data_6W3H
#
_entry.id   6W3H
#
_cell.length_a   126.370
_cell.length_b   126.370
_cell.length_c   113.800
_cell.angle_alpha   90.000
_cell.angle_beta   90.000
_cell.angle_gamma   120.000
#
_symmetry.space_group_name_H-M   'P 64'
#
loop_
_entity.id
_entity.type
_entity.pdbx_description
1 polymer 'ATV Fc'
2 polymer 'Transferrin receptor protein 1,Transferrin receptor protein 1'
3 branched 2-acetamido-2-deoxy-beta-D-glucopyranose-(1-2)-alpha-D-mannopyranose-(1-3)-[2-acetamido-2-deoxy-beta-D-glucopyranose-(1-2)-alpha-D-mannopyranose-(1-6)]beta-D-mannopyranose-(1-4)-2-acetamido-2-deoxy-beta-D-glucopyranose-(1-4)-2-acetamido-2-deoxy-beta-D-glucopyranose
#
loop_
_entity_poly.entity_id
_entity_poly.type
_entity_poly.pdbx_seq_one_letter_code
_entity_poly.pdbx_strand_id
1 'polypeptide(L)'
;DKTHTCPPCPAPEAAGGPSVFLFPPKPKDTLYITREPEVTCVVVDVSHEDPEVKFNWYVDGVEVHNAKTKPREEQYNSTY
RVVSVLTVLHQDWLNGKEYKCKVSNKALGAPIEKTISKAKGQPREPQVYTLPPSRDELTKNQVSLTCLVKGFYPSDIAVE
WESYGTEWSSYKTTPPVLDSDGSFFLYSKLTVTKSEWQQGFVFSCSVMHEALHNHYTQKSLSLSPGK
;
A,B
2 'polypeptide(L)'
;TSSGLPNIPVQTISRAAAEKLFGNMEGDCPSDWKTDSTCRMVTSESKNVKLTVSNDSAQNSVIIVDKNGRLVYLVENPGG
YVAYSKAATVTGKLVHANFGTKKDFEDLYTPVNGSIVIVRAGKITFAEKVANAESLNAIGVLIYMDQTKFPIVNAELSAS
HHHHHH
;
C,D
#
loop_
_chem_comp.id
_chem_comp.type
_chem_comp.name
_chem_comp.formula
BMA D-saccharide, beta linking beta-D-mannopyranose 'C6 H12 O6'
MAN D-saccharide, alpha linking alpha-D-mannopyranose 'C6 H12 O6'
NAG D-saccharide, beta linking 2-acetamido-2-deoxy-beta-D-glucopyranose 'C8 H15 N O6'
#
# COMPACT_ATOMS: atom_id res chain seq x y z
N GLY A 17 -11.49 33.46 -8.77
CA GLY A 17 -10.47 33.38 -9.88
C GLY A 17 -10.25 31.96 -10.40
N PRO A 18 -9.96 31.78 -11.71
CA PRO A 18 -9.50 30.49 -12.22
C PRO A 18 -8.28 29.91 -11.50
N SER A 19 -8.28 28.59 -11.41
CA SER A 19 -7.13 27.80 -10.89
C SER A 19 -6.60 26.83 -11.94
N VAL A 20 -5.30 26.65 -12.02
CA VAL A 20 -4.70 25.87 -13.14
C VAL A 20 -4.01 24.62 -12.62
N PHE A 21 -4.25 23.51 -13.27
CA PHE A 21 -3.62 22.22 -12.88
C PHE A 21 -3.03 21.55 -14.10
N LEU A 22 -1.71 21.43 -14.11
CA LEU A 22 -0.99 20.79 -15.23
C LEU A 22 -0.64 19.34 -14.88
N PHE A 23 -1.08 18.42 -15.71
CA PHE A 23 -0.90 16.97 -15.48
C PHE A 23 0.09 16.37 -16.47
N PRO A 24 0.91 15.39 -16.04
CA PRO A 24 1.77 14.61 -16.93
C PRO A 24 1.06 13.52 -17.70
N PRO A 25 1.69 12.97 -18.75
CA PRO A 25 1.10 11.89 -19.54
C PRO A 25 1.14 10.58 -18.80
N LYS A 26 0.27 9.64 -19.17
CA LYS A 26 0.22 8.31 -18.57
C LYS A 26 1.49 7.52 -18.93
N PRO A 27 2.12 6.90 -17.91
CA PRO A 27 3.32 6.10 -18.09
C PRO A 27 3.36 5.20 -19.33
N LYS A 28 2.31 4.43 -19.54
CA LYS A 28 2.24 3.53 -20.70
C LYS A 28 2.35 4.29 -22.01
N ASP A 29 1.74 5.49 -22.04
CA ASP A 29 1.73 6.30 -23.27
C ASP A 29 3.14 6.78 -23.61
N THR A 30 3.94 7.03 -22.60
CA THR A 30 5.32 7.53 -22.75
C THR A 30 6.27 6.40 -23.02
N LEU A 31 5.93 5.20 -22.53
CA LEU A 31 6.82 4.02 -22.57
C LEU A 31 6.63 3.27 -23.90
N TYR A 32 5.39 3.23 -24.37
CA TYR A 32 5.07 2.46 -25.59
C TYR A 32 5.10 3.37 -26.80
N ILE A 33 5.85 3.02 -27.82
CA ILE A 33 5.86 3.90 -29.02
C ILE A 33 4.58 3.76 -29.81
N THR A 34 3.82 2.70 -29.58
CA THR A 34 2.52 2.49 -30.23
C THR A 34 1.44 3.44 -29.69
N ARG A 35 1.67 3.98 -28.53
CA ARG A 35 0.71 4.84 -27.82
C ARG A 35 1.05 6.31 -27.96
N GLU A 36 0.10 7.16 -27.59
CA GLU A 36 0.25 8.63 -27.75
C GLU A 36 0.12 9.33 -26.40
N PRO A 37 1.26 9.84 -25.86
CA PRO A 37 1.26 10.54 -24.58
C PRO A 37 1.08 12.03 -24.74
N GLU A 38 0.33 12.64 -23.81
CA GLU A 38 0.01 14.08 -23.84
C GLU A 38 -0.05 14.68 -22.45
N VAL A 39 0.38 15.93 -22.33
CA VAL A 39 0.26 16.75 -21.10
C VAL A 39 -1.09 17.45 -21.10
N THR A 40 -1.69 17.57 -19.94
CA THR A 40 -3.06 18.12 -19.82
C THR A 40 -3.04 19.36 -18.91
N CYS A 41 -3.41 20.51 -19.47
CA CYS A 41 -3.56 21.73 -18.69
C CYS A 41 -5.03 21.94 -18.37
N VAL A 42 -5.37 21.76 -17.11
CA VAL A 42 -6.78 21.85 -16.64
C VAL A 42 -7.02 23.17 -15.94
N VAL A 43 -8.14 23.80 -16.33
CA VAL A 43 -8.57 25.08 -15.67
C VAL A 43 -9.89 24.90 -14.90
N VAL A 44 -9.81 25.06 -13.58
CA VAL A 44 -10.79 24.45 -12.64
C VAL A 44 -11.95 25.40 -12.51
N ASP A 45 -11.68 26.69 -12.34
CA ASP A 45 -12.76 27.69 -12.12
C ASP A 45 -12.71 28.74 -13.22
N VAL A 46 -13.78 28.81 -13.99
CA VAL A 46 -13.90 29.79 -15.09
C VAL A 46 -15.17 30.61 -14.89
N SER A 47 -14.99 31.92 -14.73
CA SER A 47 -16.04 32.88 -14.34
C SER A 47 -17.15 32.92 -15.39
N HIS A 48 -18.38 33.25 -14.98
CA HIS A 48 -19.54 33.35 -15.91
C HIS A 48 -19.41 34.68 -16.65
N GLU A 49 -18.98 35.72 -15.91
CA GLU A 49 -18.73 37.08 -16.45
C GLU A 49 -17.65 37.01 -17.54
N ASP A 50 -16.50 36.40 -17.23
CA ASP A 50 -15.29 36.37 -18.10
C ASP A 50 -14.92 34.93 -18.42
N PRO A 51 -15.57 34.32 -19.43
CA PRO A 51 -15.31 32.93 -19.79
C PRO A 51 -14.06 32.72 -20.65
N GLU A 52 -13.52 33.83 -21.15
CA GLU A 52 -12.41 33.78 -22.12
C GLU A 52 -11.16 33.21 -21.48
N VAL A 53 -10.59 32.16 -22.06
CA VAL A 53 -9.28 31.64 -21.57
C VAL A 53 -8.31 31.50 -22.72
N LYS A 54 -7.16 32.15 -22.60
CA LYS A 54 -6.07 31.98 -23.59
C LYS A 54 -5.05 30.97 -23.09
N PHE A 55 -4.73 29.97 -23.90
CA PHE A 55 -3.68 29.00 -23.56
C PHE A 55 -2.43 29.18 -24.40
N ASN A 56 -1.28 29.20 -23.73
CA ASN A 56 0.02 29.29 -24.42
C ASN A 56 0.91 28.17 -23.91
N TRP A 57 1.42 27.36 -24.84
CA TRP A 57 2.27 26.20 -24.51
C TRP A 57 3.72 26.46 -24.85
N TYR A 58 4.61 25.95 -24.01
CA TYR A 58 6.07 26.14 -24.19
C TYR A 58 6.83 24.86 -23.90
N VAL A 59 7.76 24.52 -24.77
CA VAL A 59 8.61 23.32 -24.57
C VAL A 59 10.06 23.76 -24.47
N ASP A 60 10.62 23.66 -23.28
CA ASP A 60 12.00 24.13 -22.99
C ASP A 60 12.12 25.61 -23.32
N GLY A 61 11.06 26.36 -23.05
CA GLY A 61 11.06 27.81 -23.27
C GLY A 61 10.65 28.20 -24.66
N VAL A 62 10.59 27.24 -25.57
CA VAL A 62 10.18 27.48 -26.97
C VAL A 62 8.67 27.28 -27.08
N GLU A 63 7.98 28.28 -27.60
CA GLU A 63 6.50 28.20 -27.73
C GLU A 63 6.08 27.26 -28.86
N VAL A 64 5.13 26.40 -28.63
CA VAL A 64 4.61 25.51 -29.67
C VAL A 64 3.13 25.77 -29.79
N HIS A 65 2.55 25.31 -30.91
CA HIS A 65 1.11 25.54 -31.20
C HIS A 65 0.38 24.26 -31.59
N ASN A 66 0.87 23.11 -31.17
CA ASN A 66 0.42 21.77 -31.60
C ASN A 66 -0.78 21.34 -30.76
N ALA A 67 -1.11 22.13 -29.74
CA ALA A 67 -2.07 21.70 -28.72
C ALA A 67 -3.49 21.94 -29.20
N LYS A 68 -4.44 21.22 -28.59
CA LYS A 68 -5.88 21.37 -28.88
C LYS A 68 -6.65 21.71 -27.62
N THR A 69 -7.49 22.74 -27.64
CA THR A 69 -8.39 23.05 -26.52
C THR A 69 -9.69 22.27 -26.70
N LYS A 70 -10.03 21.45 -25.70
CA LYS A 70 -11.33 20.76 -25.68
C LYS A 70 -12.43 21.79 -25.48
N PRO A 71 -13.69 21.46 -25.86
CA PRO A 71 -14.81 22.36 -25.58
C PRO A 71 -14.90 22.72 -24.10
N ARG A 72 -15.23 23.98 -23.82
CA ARG A 72 -15.50 24.47 -22.45
C ARG A 72 -16.74 23.80 -21.86
N GLU A 73 -16.77 23.45 -20.58
CA GLU A 73 -18.02 22.77 -20.15
C GLU A 73 -18.44 23.21 -18.74
N GLU A 74 -19.66 23.76 -18.62
CA GLU A 74 -20.29 24.19 -17.34
C GLU A 74 -20.35 23.01 -16.38
N GLN A 75 -19.88 23.19 -15.15
CA GLN A 75 -19.85 22.16 -14.09
C GLN A 75 -21.05 22.39 -13.16
N TYR A 76 -21.23 21.48 -12.20
CA TYR A 76 -22.37 21.38 -11.25
C TYR A 76 -22.38 22.56 -10.26
N ASN A 77 -21.38 23.45 -10.32
CA ASN A 77 -21.15 24.55 -9.34
C ASN A 77 -20.96 25.88 -10.08
N SER A 78 -21.64 26.03 -11.22
CA SER A 78 -21.70 27.25 -12.07
C SER A 78 -20.29 27.80 -12.38
N THR A 79 -19.38 26.91 -12.80
CA THR A 79 -17.95 27.19 -13.11
C THR A 79 -17.58 26.45 -14.41
N TYR A 80 -17.02 27.14 -15.42
CA TYR A 80 -16.59 26.50 -16.70
C TYR A 80 -15.35 25.66 -16.44
N ARG A 81 -15.20 24.52 -17.15
CA ARG A 81 -13.93 23.78 -17.05
C ARG A 81 -13.31 23.67 -18.43
N VAL A 82 -12.28 24.48 -18.67
CA VAL A 82 -11.55 24.48 -19.95
C VAL A 82 -10.30 23.63 -19.79
N VAL A 83 -10.15 22.72 -20.76
CA VAL A 83 -8.93 21.87 -20.85
C VAL A 83 -8.21 22.02 -22.19
N SER A 84 -6.91 22.18 -22.11
CA SER A 84 -6.01 22.16 -23.29
C SER A 84 -5.05 20.98 -23.25
N VAL A 85 -5.02 20.21 -24.33
CA VAL A 85 -4.19 18.98 -24.39
C VAL A 85 -3.09 19.14 -25.41
N LEU A 86 -1.83 18.90 -25.03
CA LEU A 86 -0.67 19.00 -25.93
C LEU A 86 0.03 17.66 -26.06
N THR A 87 0.08 17.10 -27.25
CA THR A 87 0.79 15.82 -27.45
C THR A 87 2.29 16.01 -27.42
N VAL A 88 2.95 15.20 -26.62
CA VAL A 88 4.43 15.25 -26.48
C VAL A 88 5.08 14.06 -27.19
N LEU A 89 6.31 14.26 -27.61
CA LEU A 89 7.13 13.19 -28.21
C LEU A 89 7.73 12.31 -27.12
N HIS A 90 7.81 11.02 -27.39
CA HIS A 90 8.16 10.03 -26.34
C HIS A 90 9.50 10.35 -25.71
N GLN A 91 10.50 10.62 -26.53
CA GLN A 91 11.87 10.83 -25.99
C GLN A 91 12.05 12.25 -25.50
N ASP A 92 11.24 13.19 -26.00
CA ASP A 92 11.27 14.57 -25.44
C ASP A 92 10.87 14.53 -23.98
N TRP A 93 9.85 13.73 -23.67
CA TRP A 93 9.33 13.59 -22.30
C TRP A 93 10.32 12.80 -21.45
N LEU A 94 10.89 11.76 -22.04
CA LEU A 94 11.78 10.86 -21.30
C LEU A 94 13.14 11.51 -21.03
N ASN A 95 13.52 12.48 -21.85
CA ASN A 95 14.83 13.15 -21.66
C ASN A 95 14.73 14.22 -20.58
N GLY A 96 13.53 14.69 -20.29
CA GLY A 96 13.33 15.62 -19.18
C GLY A 96 13.07 17.03 -19.64
N LYS A 97 12.47 17.19 -20.83
CA LYS A 97 12.01 18.52 -21.28
C LYS A 97 10.88 19.00 -20.42
N GLU A 98 10.89 20.31 -20.15
CA GLU A 98 9.87 21.03 -19.37
C GLU A 98 8.74 21.49 -20.24
N TYR A 99 7.50 21.28 -19.80
CA TYR A 99 6.32 21.79 -20.50
C TYR A 99 5.66 22.86 -19.64
N LYS A 100 5.64 24.09 -20.14
CA LYS A 100 5.02 25.20 -19.41
C LYS A 100 3.67 25.54 -20.04
N CYS A 101 2.65 25.56 -19.20
CA CYS A 101 1.30 26.00 -19.60
C CYS A 101 1.03 27.38 -19.03
N LYS A 102 0.72 28.32 -19.92
CA LYS A 102 0.39 29.70 -19.52
C LYS A 102 -1.09 29.96 -19.71
N VAL A 103 -1.77 30.24 -18.62
CA VAL A 103 -3.22 30.57 -18.68
C VAL A 103 -3.45 32.06 -18.49
N SER A 104 -4.10 32.67 -19.48
CA SER A 104 -4.41 34.13 -19.46
C SER A 104 -5.92 34.32 -19.36
N ASN A 105 -6.32 35.18 -18.43
CA ASN A 105 -7.73 35.56 -18.21
C ASN A 105 -7.77 37.02 -17.80
N LYS A 106 -8.88 37.72 -18.08
CA LYS A 106 -9.14 39.09 -17.53
C LYS A 106 -9.45 38.98 -16.02
N ALA A 107 -10.00 37.86 -15.57
CA ALA A 107 -10.27 37.54 -14.14
C ALA A 107 -8.98 37.32 -13.34
N LEU A 108 -7.85 37.06 -14.02
CA LEU A 108 -6.48 36.89 -13.43
C LEU A 108 -5.77 38.24 -13.35
N GLY A 109 -5.18 38.55 -12.19
CA GLY A 109 -4.35 39.75 -11.96
C GLY A 109 -3.11 39.71 -12.82
N ALA A 110 -2.46 38.54 -12.92
CA ALA A 110 -1.41 38.19 -13.91
C ALA A 110 -1.65 36.76 -14.42
N PRO A 111 -1.25 36.45 -15.66
CA PRO A 111 -1.43 35.10 -16.18
C PRO A 111 -0.67 34.05 -15.37
N ILE A 112 -1.27 32.88 -15.26
CA ILE A 112 -0.77 31.78 -14.40
C ILE A 112 0.09 30.81 -15.22
N GLU A 113 1.28 30.53 -14.70
CA GLU A 113 2.22 29.60 -15.34
C GLU A 113 2.39 28.35 -14.48
N LYS A 114 2.22 27.20 -15.11
CA LYS A 114 2.49 25.90 -14.49
C LYS A 114 3.47 25.13 -15.35
N THR A 115 4.42 24.46 -14.71
CA THR A 115 5.47 23.69 -15.42
C THR A 115 5.54 22.28 -14.89
N ILE A 116 5.62 21.33 -15.81
CA ILE A 116 5.89 19.91 -15.47
C ILE A 116 7.04 19.37 -16.32
N SER A 117 7.80 18.41 -15.79
CA SER A 117 8.76 17.66 -16.62
C SER A 117 8.97 16.28 -16.03
N LYS A 118 9.69 15.43 -16.76
CA LYS A 118 10.19 14.18 -16.14
C LYS A 118 11.31 14.50 -15.16
N ALA A 119 11.28 13.86 -14.00
CA ALA A 119 12.42 13.80 -13.07
C ALA A 119 13.68 13.38 -13.80
N LYS A 120 14.71 14.22 -13.74
CA LYS A 120 15.98 13.94 -14.44
C LYS A 120 16.91 13.16 -13.52
N GLY A 121 16.95 11.85 -13.57
CA GLY A 121 18.03 11.17 -12.84
C GLY A 121 18.35 9.94 -13.61
N GLN A 122 19.35 9.21 -13.16
CA GLN A 122 19.64 7.82 -13.60
C GLN A 122 18.42 6.93 -13.31
N PRO A 123 17.84 6.27 -14.32
CA PRO A 123 16.79 5.29 -14.07
C PRO A 123 17.28 4.13 -13.20
N ARG A 124 16.44 3.73 -12.26
CA ARG A 124 16.68 2.50 -11.47
C ARG A 124 15.54 1.51 -11.69
N GLU A 125 15.91 0.26 -11.93
CA GLU A 125 14.93 -0.80 -12.26
C GLU A 125 14.15 -1.21 -11.01
N PRO A 126 12.80 -1.23 -11.14
CA PRO A 126 11.91 -1.69 -10.08
C PRO A 126 12.02 -3.16 -9.74
N GLN A 127 12.04 -3.46 -8.45
CA GLN A 127 11.98 -4.86 -7.97
C GLN A 127 10.53 -5.21 -7.69
N VAL A 128 10.04 -6.26 -8.32
CA VAL A 128 8.61 -6.63 -8.19
C VAL A 128 8.46 -7.95 -7.45
N TYR A 129 7.81 -7.90 -6.31
CA TYR A 129 7.56 -9.10 -5.49
C TYR A 129 6.08 -9.22 -5.17
N THR A 130 5.53 -10.41 -5.31
CA THR A 130 4.14 -10.71 -4.94
C THR A 130 4.10 -11.41 -3.60
N LEU A 131 3.07 -11.08 -2.81
CA LEU A 131 2.90 -11.67 -1.48
C LEU A 131 1.50 -12.28 -1.48
N PRO A 132 1.31 -13.45 -0.84
CA PRO A 132 0.01 -14.06 -0.67
C PRO A 132 -0.73 -13.49 0.52
N PRO A 133 -2.01 -13.84 0.71
CA PRO A 133 -2.75 -13.35 1.86
C PRO A 133 -2.24 -13.86 3.20
N SER A 134 -2.38 -13.01 4.22
CA SER A 134 -2.09 -13.36 5.62
C SER A 134 -3.03 -14.48 6.07
N ARG A 135 -2.55 -15.35 6.96
CA ARG A 135 -3.29 -16.56 7.40
C ARG A 135 -4.54 -16.05 8.12
N ASP A 136 -4.41 -14.90 8.80
CA ASP A 136 -5.53 -14.25 9.53
C ASP A 136 -6.56 -13.67 8.59
N GLU A 137 -6.17 -13.40 7.35
CA GLU A 137 -7.07 -12.76 6.35
C GLU A 137 -7.91 -13.82 5.68
N LEU A 138 -7.61 -15.08 5.90
CA LEU A 138 -8.37 -16.18 5.26
C LEU A 138 -9.67 -16.46 5.99
N THR A 139 -9.87 -15.77 7.10
CA THR A 139 -11.09 -15.81 7.92
C THR A 139 -12.24 -15.16 7.16
N LYS A 140 -11.86 -14.27 6.23
CA LYS A 140 -12.83 -13.43 5.49
C LYS A 140 -13.24 -14.10 4.19
N ASN A 141 -14.38 -13.70 3.62
CA ASN A 141 -14.80 -14.23 2.31
C ASN A 141 -13.91 -13.74 1.18
N GLN A 142 -13.28 -12.59 1.36
CA GLN A 142 -12.38 -11.99 0.36
C GLN A 142 -10.98 -11.74 0.92
N VAL A 143 -9.98 -11.91 0.07
CA VAL A 143 -8.57 -11.81 0.50
C VAL A 143 -7.85 -10.82 -0.42
N SER A 144 -6.73 -10.31 0.06
CA SER A 144 -5.90 -9.35 -0.70
C SER A 144 -4.63 -10.03 -1.19
N LEU A 145 -4.34 -9.86 -2.48
CA LEU A 145 -3.01 -10.24 -3.01
C LEU A 145 -2.19 -8.98 -3.19
N THR A 146 -0.96 -9.01 -2.71
CA THR A 146 -0.13 -7.80 -2.66
C THR A 146 1.00 -7.87 -3.67
N CYS A 147 1.25 -6.73 -4.29
CA CYS A 147 2.34 -6.60 -5.27
C CYS A 147 3.26 -5.47 -4.85
N LEU A 148 4.43 -5.81 -4.34
CA LEU A 148 5.43 -4.82 -3.91
C LEU A 148 6.35 -4.44 -5.07
N VAL A 149 6.33 -3.17 -5.43
CA VAL A 149 7.20 -2.63 -6.50
C VAL A 149 8.10 -1.56 -5.91
N LYS A 150 9.39 -1.84 -5.81
CA LYS A 150 10.30 -0.95 -5.06
C LYS A 150 11.61 -0.70 -5.79
N GLY A 151 12.33 0.32 -5.31
CA GLY A 151 13.68 0.65 -5.79
C GLY A 151 13.70 1.13 -7.22
N PHE A 152 12.71 1.91 -7.60
CA PHE A 152 12.67 2.44 -8.99
C PHE A 152 12.78 3.95 -9.01
N TYR A 153 13.34 4.45 -10.10
CA TYR A 153 13.41 5.88 -10.39
C TYR A 153 13.40 6.07 -11.89
N PRO A 154 12.67 7.06 -12.44
CA PRO A 154 11.80 8.00 -11.70
C PRO A 154 10.47 7.37 -11.24
N SER A 155 9.57 8.22 -10.78
CA SER A 155 8.27 7.88 -10.20
C SER A 155 7.33 7.29 -11.25
N ASP A 156 7.58 7.62 -12.52
CA ASP A 156 6.76 7.13 -13.65
C ASP A 156 6.67 5.61 -13.66
N ILE A 157 5.48 5.09 -13.44
CA ILE A 157 5.27 3.63 -13.39
C ILE A 157 3.80 3.28 -13.62
N ALA A 158 3.57 2.11 -14.20
CA ALA A 158 2.25 1.58 -14.53
C ALA A 158 2.10 0.17 -14.00
N VAL A 159 1.07 -0.08 -13.21
CA VAL A 159 0.90 -1.39 -12.55
C VAL A 159 -0.50 -1.91 -12.80
N GLU A 160 -0.58 -3.10 -13.38
CA GLU A 160 -1.87 -3.83 -13.58
C GLU A 160 -1.83 -5.23 -13.01
N TRP A 161 -2.95 -5.69 -12.43
CA TRP A 161 -3.15 -7.12 -12.13
C TRP A 161 -4.05 -7.80 -13.13
N GLU A 162 -3.79 -9.06 -13.44
CA GLU A 162 -4.51 -9.83 -14.47
C GLU A 162 -4.47 -11.32 -14.13
N SER A 163 -5.41 -12.04 -14.76
CA SER A 163 -5.47 -13.53 -14.72
C SER A 163 -5.98 -14.02 -16.07
N TYR A 164 -5.25 -15.00 -16.59
CA TYR A 164 -5.49 -15.66 -17.89
C TYR A 164 -5.69 -14.62 -19.00
N GLY A 165 -4.74 -13.69 -19.06
CA GLY A 165 -4.63 -12.69 -20.12
C GLY A 165 -5.70 -11.63 -20.03
N THR A 166 -6.45 -11.62 -18.92
CA THR A 166 -7.52 -10.60 -18.73
C THR A 166 -7.23 -9.73 -17.54
N GLU A 167 -7.34 -8.38 -17.67
CA GLU A 167 -7.06 -7.48 -16.53
C GLU A 167 -8.16 -7.53 -15.48
N TRP A 168 -7.73 -7.50 -14.22
CA TRP A 168 -8.59 -7.55 -13.03
C TRP A 168 -9.20 -6.18 -12.79
N SER A 169 -10.50 -6.18 -12.64
CA SER A 169 -11.24 -4.95 -12.21
C SER A 169 -10.95 -4.55 -10.76
N SER A 170 -10.93 -5.52 -9.86
CA SER A 170 -10.97 -5.23 -8.41
C SER A 170 -9.58 -5.05 -7.82
N TYR A 171 -8.80 -4.08 -8.31
CA TYR A 171 -7.48 -3.87 -7.65
C TYR A 171 -7.17 -2.40 -7.54
N LYS A 172 -6.42 -1.98 -6.54
CA LYS A 172 -6.11 -0.57 -6.32
C LYS A 172 -4.64 -0.42 -5.97
N THR A 173 -4.07 0.72 -6.35
CA THR A 173 -2.62 0.95 -6.26
C THR A 173 -2.31 2.24 -5.52
N THR A 174 -1.52 2.15 -4.47
CA THR A 174 -1.06 3.33 -3.72
C THR A 174 -0.22 4.20 -4.64
N PRO A 175 -0.20 5.51 -4.43
CA PRO A 175 0.74 6.34 -5.19
C PRO A 175 2.17 5.98 -4.82
N PRO A 176 3.12 6.33 -5.70
CA PRO A 176 4.55 6.16 -5.39
C PRO A 176 4.94 6.86 -4.09
N VAL A 177 5.82 6.23 -3.33
CA VAL A 177 6.29 6.82 -2.05
C VAL A 177 7.81 6.95 -2.10
N LEU A 178 8.31 8.11 -1.73
CA LEU A 178 9.76 8.34 -1.74
C LEU A 178 10.43 7.50 -0.65
N ASP A 179 11.36 6.68 -1.05
CA ASP A 179 12.15 5.86 -0.11
C ASP A 179 13.33 6.66 0.43
N SER A 180 14.11 6.03 1.31
CA SER A 180 15.20 6.70 2.02
C SER A 180 16.39 6.90 1.09
N ASP A 181 16.49 6.06 0.06
CA ASP A 181 17.69 6.11 -0.81
C ASP A 181 17.46 6.98 -2.02
N GLY A 182 16.31 7.66 -2.07
CA GLY A 182 15.96 8.52 -3.21
C GLY A 182 15.18 7.82 -4.30
N SER A 183 14.88 6.55 -4.06
CA SER A 183 14.08 5.70 -4.94
C SER A 183 12.60 5.78 -4.55
N PHE A 184 11.75 5.20 -5.37
CA PHE A 184 10.31 5.10 -5.05
C PHE A 184 9.92 3.65 -4.83
N PHE A 185 8.81 3.49 -4.11
CA PHE A 185 8.17 2.17 -4.02
C PHE A 185 6.67 2.39 -3.99
N LEU A 186 5.92 1.33 -4.20
CA LEU A 186 4.47 1.34 -4.01
C LEU A 186 3.94 -0.06 -3.79
N TYR A 187 2.65 -0.13 -3.55
CA TYR A 187 1.93 -1.40 -3.36
C TYR A 187 0.73 -1.43 -4.29
N SER A 188 0.42 -2.61 -4.81
CA SER A 188 -0.84 -2.86 -5.51
C SER A 188 -1.60 -3.97 -4.81
N LYS A 189 -2.87 -3.74 -4.56
CA LYS A 189 -3.68 -4.72 -3.82
C LYS A 189 -4.82 -5.22 -4.69
N LEU A 190 -4.74 -6.49 -5.08
CA LEU A 190 -5.85 -7.15 -5.78
C LEU A 190 -6.71 -7.88 -4.76
N THR A 191 -8.00 -7.59 -4.78
CA THR A 191 -8.99 -8.28 -3.92
C THR A 191 -9.76 -9.30 -4.73
N VAL A 192 -9.75 -10.53 -4.23
CA VAL A 192 -10.43 -11.68 -4.89
C VAL A 192 -11.29 -12.42 -3.88
N THR A 193 -12.37 -13.07 -4.27
CA THR A 193 -13.02 -14.01 -3.34
C THR A 193 -12.05 -15.13 -2.97
N LYS A 194 -12.02 -15.43 -1.69
CA LYS A 194 -11.18 -16.48 -1.06
C LYS A 194 -11.16 -17.80 -1.83
N SER A 195 -12.34 -18.24 -2.27
CA SER A 195 -12.45 -19.52 -2.99
C SER A 195 -11.61 -19.53 -4.24
N GLU A 196 -11.52 -18.39 -4.91
CA GLU A 196 -10.73 -18.27 -6.15
C GLU A 196 -9.25 -18.45 -5.85
N TRP A 197 -8.85 -18.05 -4.66
CA TRP A 197 -7.45 -18.13 -4.19
C TRP A 197 -7.16 -19.57 -3.81
N GLN A 198 -8.13 -20.21 -3.15
CA GLN A 198 -7.95 -21.58 -2.63
C GLN A 198 -7.91 -22.59 -3.75
N GLN A 199 -8.52 -22.26 -4.88
CA GLN A 199 -8.62 -23.17 -6.03
C GLN A 199 -7.33 -23.22 -6.86
N GLY A 200 -6.38 -22.37 -6.53
CA GLY A 200 -5.03 -22.47 -7.10
C GLY A 200 -4.82 -21.78 -8.43
N PHE A 201 -5.76 -20.94 -8.81
CA PHE A 201 -5.59 -20.00 -9.94
C PHE A 201 -4.39 -19.05 -9.79
N VAL A 202 -3.93 -18.61 -10.95
CA VAL A 202 -2.70 -17.77 -11.05
C VAL A 202 -3.12 -16.29 -11.20
N PHE A 203 -2.57 -15.45 -10.33
CA PHE A 203 -2.68 -13.99 -10.51
C PHE A 203 -1.32 -13.43 -10.87
N SER A 204 -1.31 -12.44 -11.75
CA SER A 204 -0.07 -11.80 -12.22
C SER A 204 -0.06 -10.30 -12.00
N CYS A 205 1.06 -9.79 -11.52
CA CYS A 205 1.31 -8.35 -11.37
C CYS A 205 2.15 -7.81 -12.51
N SER A 206 1.56 -7.01 -13.38
CA SER A 206 2.30 -6.45 -14.53
C SER A 206 2.83 -5.05 -14.21
N VAL A 207 4.09 -4.82 -14.50
CA VAL A 207 4.74 -3.54 -14.15
C VAL A 207 5.49 -2.98 -15.35
N MET A 208 5.16 -1.75 -15.72
CA MET A 208 5.84 -1.08 -16.83
C MET A 208 6.69 0.07 -16.32
N HIS A 209 7.98 0.06 -16.66
CA HIS A 209 8.91 1.10 -16.20
C HIS A 209 10.07 1.24 -17.16
N GLU A 210 10.55 2.46 -17.35
CA GLU A 210 11.54 2.78 -18.40
C GLU A 210 12.85 2.02 -18.23
N ALA A 211 13.16 1.64 -17.00
CA ALA A 211 14.43 0.99 -16.64
C ALA A 211 14.38 -0.52 -16.94
N LEU A 212 13.19 -1.03 -17.18
CA LEU A 212 13.01 -2.46 -17.44
C LEU A 212 13.34 -2.79 -18.89
N HIS A 213 13.78 -4.02 -19.14
CA HIS A 213 13.95 -4.44 -20.55
C HIS A 213 12.56 -4.56 -21.17
N ASN A 214 12.36 -3.86 -22.27
CA ASN A 214 11.07 -3.68 -22.96
C ASN A 214 10.05 -2.97 -22.09
N HIS A 215 10.51 -2.22 -21.13
CA HIS A 215 9.66 -1.43 -20.21
C HIS A 215 8.59 -2.34 -19.64
N TYR A 216 8.98 -3.53 -19.22
CA TYR A 216 7.97 -4.53 -18.80
C TYR A 216 8.55 -5.66 -18.00
N THR A 217 7.81 -6.08 -16.97
CA THR A 217 8.14 -7.28 -16.17
C THR A 217 6.83 -7.84 -15.61
N GLN A 218 6.85 -9.08 -15.17
CA GLN A 218 5.64 -9.72 -14.66
C GLN A 218 5.98 -10.71 -13.55
N LYS A 219 5.22 -10.65 -12.49
CA LYS A 219 5.38 -11.60 -11.37
C LYS A 219 4.09 -12.35 -11.15
N SER A 220 4.15 -13.66 -11.05
CA SER A 220 2.96 -14.48 -10.77
C SER A 220 2.97 -15.06 -9.36
N LEU A 221 1.79 -15.45 -8.91
CA LEU A 221 1.56 -15.89 -7.51
C LEU A 221 0.33 -16.81 -7.48
N SER A 222 0.42 -17.91 -6.75
CA SER A 222 -0.74 -18.79 -6.52
C SER A 222 -0.54 -19.69 -5.33
N LEU A 223 -1.57 -20.45 -4.98
CA LEU A 223 -1.51 -21.38 -3.83
C LEU A 223 -0.41 -22.43 -4.00
N SER A 224 0.33 -22.76 -2.93
CA SER A 224 1.58 -23.55 -3.03
C SER A 224 1.24 -24.98 -3.48
N PRO B 6 24.66 -2.00 42.64
CA PRO B 6 23.97 -2.27 41.37
C PRO B 6 22.73 -1.40 41.16
N ASN B 7 22.95 -0.15 40.78
CA ASN B 7 21.86 0.77 40.41
C ASN B 7 21.80 0.89 38.90
N ILE B 8 22.62 0.11 38.21
CA ILE B 8 22.65 0.14 36.74
C ILE B 8 22.27 -1.24 36.21
N PRO B 9 21.67 -1.31 35.01
CA PRO B 9 21.46 -2.58 34.35
C PRO B 9 22.80 -3.21 33.94
N VAL B 10 22.77 -4.54 34.12
CA VAL B 10 23.83 -5.45 33.59
C VAL B 10 23.15 -6.55 32.76
N GLN B 11 23.82 -6.93 31.69
CA GLN B 11 23.29 -7.96 30.77
C GLN B 11 24.41 -8.74 30.11
N THR B 12 24.12 -10.02 29.95
CA THR B 12 25.04 -11.00 29.41
C THR B 12 24.77 -11.14 27.92
N ILE B 13 25.81 -11.21 27.12
CA ILE B 13 25.60 -11.38 25.66
C ILE B 13 26.48 -12.50 25.14
N SER B 14 26.08 -13.11 24.05
CA SER B 14 26.94 -14.14 23.42
C SER B 14 28.11 -13.47 22.73
N ARG B 15 29.15 -14.25 22.49
CA ARG B 15 30.34 -13.71 21.80
C ARG B 15 29.93 -13.22 20.42
N ALA B 16 28.95 -13.87 19.82
CA ALA B 16 28.43 -13.46 18.52
C ALA B 16 27.94 -12.02 18.61
N ALA B 17 27.08 -11.79 19.58
CA ALA B 17 26.49 -10.45 19.79
C ALA B 17 27.58 -9.42 20.06
N ALA B 18 28.61 -9.80 20.79
CA ALA B 18 29.72 -8.88 21.09
C ALA B 18 30.44 -8.52 19.80
N GLU B 19 30.67 -9.52 18.98
CA GLU B 19 31.44 -9.29 17.73
C GLU B 19 30.63 -8.45 16.77
N LYS B 20 29.32 -8.60 16.84
CA LYS B 20 28.42 -7.77 16.01
C LYS B 20 28.53 -6.35 16.51
N LEU B 21 28.55 -6.18 17.82
CA LEU B 21 28.77 -4.83 18.39
C LEU B 21 30.12 -4.30 17.94
N PHE B 22 31.16 -5.13 17.95
CA PHE B 22 32.51 -4.67 17.57
C PHE B 22 32.47 -4.21 16.13
N GLY B 23 31.69 -4.92 15.32
CA GLY B 23 31.50 -4.55 13.92
C GLY B 23 31.15 -3.10 13.73
N ASN B 24 30.57 -2.49 14.76
CA ASN B 24 30.04 -1.12 14.66
C ASN B 24 30.83 -0.19 15.54
N MET B 25 32.05 -0.58 15.87
CA MET B 25 32.87 0.22 16.79
C MET B 25 34.21 0.52 16.14
N GLU B 26 34.92 1.45 16.78
CA GLU B 26 36.13 2.11 16.28
C GLU B 26 37.20 1.98 17.37
N GLY B 27 38.46 1.95 16.97
CA GLY B 27 39.56 2.01 17.93
C GLY B 27 40.03 0.64 18.32
N ASP B 28 41.33 0.42 18.13
CA ASP B 28 41.94 -0.91 18.36
C ASP B 28 42.11 -1.17 19.85
N CYS B 29 41.93 -2.43 20.22
CA CYS B 29 42.24 -2.92 21.57
C CYS B 29 43.73 -3.16 21.66
N PRO B 30 44.31 -2.85 22.85
CA PRO B 30 45.75 -2.98 23.12
C PRO B 30 46.37 -4.37 23.15
N SER B 31 47.64 -4.43 22.73
CA SER B 31 48.35 -5.70 22.50
C SER B 31 48.36 -6.50 23.80
N ASP B 32 48.21 -5.78 24.91
CA ASP B 32 48.18 -6.39 26.26
C ASP B 32 47.13 -7.52 26.26
N TRP B 33 45.96 -7.18 25.76
CA TRP B 33 44.74 -8.00 25.85
C TRP B 33 44.84 -9.20 24.93
N LYS B 34 44.30 -10.32 25.36
CA LYS B 34 44.48 -11.61 24.67
C LYS B 34 43.45 -11.87 23.58
N THR B 35 42.48 -10.98 23.37
CA THR B 35 41.21 -11.36 22.72
C THR B 35 41.31 -11.25 21.21
N ASP B 36 40.28 -11.73 20.52
CA ASP B 36 40.30 -11.85 19.04
C ASP B 36 40.57 -10.50 18.36
N SER B 37 41.28 -10.58 17.24
CA SER B 37 41.84 -9.40 16.57
C SER B 37 40.71 -8.49 16.09
N THR B 38 39.47 -8.93 16.28
CA THR B 38 38.27 -8.22 15.85
C THR B 38 37.85 -7.17 16.86
N CYS B 39 38.49 -7.14 18.02
CA CYS B 39 38.11 -6.20 19.11
C CYS B 39 38.11 -4.74 18.68
N ARG B 40 37.14 -3.98 19.18
CA ARG B 40 37.13 -2.51 19.06
C ARG B 40 36.86 -1.84 20.41
N MET B 41 37.08 -0.53 20.48
CA MET B 41 37.21 0.16 21.80
C MET B 41 35.98 0.98 22.19
N VAL B 42 35.50 1.72 21.18
CA VAL B 42 34.41 2.72 21.30
C VAL B 42 33.50 2.60 20.09
N THR B 43 32.27 3.01 20.22
CA THR B 43 31.36 3.15 19.06
C THR B 43 31.82 4.32 18.20
N SER B 44 31.65 4.19 16.89
CA SER B 44 31.67 5.33 15.93
C SER B 44 30.71 6.43 16.38
N GLU B 45 31.07 7.67 16.05
CA GLU B 45 30.42 8.86 16.63
C GLU B 45 28.91 8.80 16.40
N SER B 46 28.54 8.42 15.18
CA SER B 46 27.16 8.55 14.64
C SER B 46 26.24 7.47 15.16
N LYS B 47 26.80 6.43 15.78
CA LYS B 47 25.98 5.30 16.24
C LYS B 47 26.11 5.06 17.73
N ASN B 48 24.99 4.71 18.33
CA ASN B 48 24.87 4.48 19.80
C ASN B 48 24.19 3.17 20.15
N VAL B 49 24.58 2.61 21.29
CA VAL B 49 23.93 1.32 21.73
C VAL B 49 22.84 1.59 22.77
N LYS B 50 21.75 0.84 22.69
CA LYS B 50 20.70 0.94 23.70
C LYS B 50 20.51 -0.43 24.34
N LEU B 51 20.53 -0.46 25.66
CA LEU B 51 20.32 -1.71 26.42
C LEU B 51 19.01 -1.62 27.20
N THR B 52 18.15 -2.63 27.04
CA THR B 52 16.85 -2.67 27.72
C THR B 52 16.76 -3.94 28.54
N VAL B 53 16.71 -3.78 29.86
CA VAL B 53 16.42 -4.89 30.81
C VAL B 53 15.05 -4.66 31.40
N SER B 54 14.21 -5.69 31.34
CA SER B 54 12.76 -5.58 31.56
C SER B 54 12.35 -6.63 32.59
N ASN B 55 11.31 -6.32 33.37
CA ASN B 55 10.77 -7.26 34.36
C ASN B 55 10.55 -8.61 33.67
N ASP B 56 10.22 -8.61 32.36
CA ASP B 56 10.20 -9.79 31.45
C ASP B 56 11.58 -9.97 30.86
N SER B 57 12.30 -10.92 31.46
CA SER B 57 13.66 -11.34 31.09
C SER B 57 13.65 -11.94 29.69
N ALA B 58 12.47 -12.35 29.20
CA ALA B 58 12.26 -12.73 27.80
C ALA B 58 12.57 -11.62 26.81
N GLN B 59 12.22 -10.38 27.13
CA GLN B 59 12.38 -9.28 26.16
C GLN B 59 13.44 -8.33 26.59
N ASN B 60 14.57 -8.85 27.05
CA ASN B 60 15.77 -8.00 27.16
C ASN B 60 16.27 -7.78 25.75
N SER B 61 16.86 -6.66 25.47
CA SER B 61 17.29 -6.41 24.08
C SER B 61 18.55 -5.56 24.03
N VAL B 62 19.41 -5.83 23.06
CA VAL B 62 20.57 -4.98 22.82
C VAL B 62 20.45 -4.48 21.39
N ILE B 63 20.42 -3.17 21.25
CA ILE B 63 20.08 -2.63 19.93
C ILE B 63 21.02 -1.49 19.63
N ILE B 64 21.24 -1.27 18.36
CA ILE B 64 21.95 -0.05 17.87
C ILE B 64 20.90 0.92 17.34
N VAL B 65 21.09 2.20 17.74
CA VAL B 65 20.07 3.26 17.53
C VAL B 65 20.63 4.44 16.73
N ASP B 66 19.65 5.17 16.27
CA ASP B 66 19.65 6.42 15.47
C ASP B 66 20.02 7.59 16.37
N LYS B 67 20.66 8.62 15.85
CA LYS B 67 20.85 9.89 16.61
C LYS B 67 19.54 10.30 17.29
N ASN B 68 18.45 10.01 16.61
CA ASN B 68 17.09 10.20 17.10
C ASN B 68 16.59 9.07 17.97
N GLY B 69 17.43 8.13 18.33
CA GLY B 69 17.07 7.08 19.29
C GLY B 69 16.31 5.95 18.65
N ARG B 70 16.10 6.04 17.35
CA ARG B 70 15.45 4.96 16.59
C ARG B 70 16.36 3.75 16.44
N LEU B 71 15.75 2.65 16.07
CA LEU B 71 16.31 1.30 15.90
C LEU B 71 16.99 1.22 14.54
N VAL B 72 18.17 0.61 14.54
CA VAL B 72 19.00 0.45 13.33
C VAL B 72 19.41 -1.01 13.21
N TYR B 73 19.85 -1.63 14.27
CA TYR B 73 20.21 -3.06 14.23
C TYR B 73 19.74 -3.64 15.57
N LEU B 74 19.01 -4.74 15.48
CA LEU B 74 18.88 -5.67 16.63
C LEU B 74 20.16 -6.46 16.76
N VAL B 75 20.75 -6.44 17.94
CA VAL B 75 22.01 -7.18 18.21
C VAL B 75 21.71 -8.48 18.92
N GLU B 76 20.81 -8.46 19.90
CA GLU B 76 20.40 -9.72 20.54
C GLU B 76 19.14 -9.55 21.37
N ASN B 77 18.35 -10.61 21.41
CA ASN B 77 17.35 -10.77 22.47
C ASN B 77 17.85 -11.91 23.36
N PRO B 78 18.70 -11.64 24.38
CA PRO B 78 19.40 -12.72 25.06
C PRO B 78 18.51 -13.84 25.59
N GLY B 79 19.00 -15.05 25.45
CA GLY B 79 18.39 -16.24 26.06
C GLY B 79 18.54 -16.25 27.56
N GLY B 80 19.63 -15.64 28.02
CA GLY B 80 20.01 -15.58 29.44
C GLY B 80 19.65 -14.27 30.06
N TYR B 81 19.73 -14.18 31.37
CA TYR B 81 19.66 -12.88 32.07
C TYR B 81 20.53 -12.92 33.32
N VAL B 82 20.84 -11.71 33.81
CA VAL B 82 21.45 -11.42 35.12
C VAL B 82 20.33 -11.29 36.11
N ALA B 83 20.47 -11.97 37.25
CA ALA B 83 19.43 -11.95 38.32
C ALA B 83 19.58 -10.70 39.17
N TYR B 84 18.53 -9.89 39.22
CA TYR B 84 18.37 -8.74 40.14
C TYR B 84 19.06 -7.50 39.59
N SER B 85 19.36 -7.52 38.31
CA SER B 85 19.78 -6.33 37.55
C SER B 85 18.66 -5.31 37.55
N LYS B 86 19.00 -4.04 37.67
CA LYS B 86 17.98 -2.99 37.69
C LYS B 86 17.28 -2.97 36.33
N ALA B 87 15.96 -2.99 36.40
CA ALA B 87 15.08 -2.93 35.22
C ALA B 87 15.11 -1.50 34.69
N ALA B 88 15.75 -1.33 33.53
CA ALA B 88 15.95 0.01 32.97
C ALA B 88 16.27 -0.02 31.49
N THR B 89 16.12 1.10 30.82
CA THR B 89 16.57 1.20 29.42
C THR B 89 17.53 2.36 29.35
N VAL B 90 18.73 2.09 28.84
CA VAL B 90 19.80 3.12 28.79
C VAL B 90 20.44 3.15 27.40
N THR B 91 20.74 4.35 26.96
CA THR B 91 21.24 4.61 25.61
C THR B 91 22.54 5.40 25.74
N GLY B 92 23.57 4.94 25.07
CA GLY B 92 24.73 5.80 24.74
C GLY B 92 25.86 5.02 24.11
N LYS B 93 27.05 5.60 24.15
CA LYS B 93 28.28 4.99 23.61
C LYS B 93 28.63 3.71 24.35
N LEU B 94 29.26 2.78 23.63
CA LEU B 94 29.73 1.51 24.23
C LEU B 94 31.25 1.50 24.27
N VAL B 95 31.80 1.21 25.44
CA VAL B 95 33.25 1.34 25.72
C VAL B 95 33.77 0.04 26.31
N HIS B 96 34.85 -0.46 25.71
CA HIS B 96 35.45 -1.72 26.14
C HIS B 96 36.39 -1.43 27.30
N ALA B 97 36.29 -2.28 28.33
CA ALA B 97 37.10 -2.09 29.54
C ALA B 97 37.72 -3.42 29.95
N ASN B 98 37.97 -4.26 28.96
CA ASN B 98 38.55 -5.59 29.20
C ASN B 98 37.77 -6.36 30.27
N PHE B 99 38.41 -6.64 31.40
CA PHE B 99 37.79 -7.44 32.47
C PHE B 99 37.08 -6.54 33.47
N GLY B 100 37.10 -5.23 33.25
CA GLY B 100 36.57 -4.28 34.21
C GLY B 100 37.32 -4.26 35.51
N THR B 101 38.60 -4.63 35.45
CA THR B 101 39.63 -4.37 36.47
C THR B 101 39.79 -2.88 36.66
N LYS B 102 40.10 -2.46 37.89
CA LYS B 102 40.41 -1.03 38.12
C LYS B 102 41.53 -0.59 37.19
N LYS B 103 42.53 -1.43 37.01
CA LYS B 103 43.67 -1.22 36.10
C LYS B 103 43.22 -1.11 34.64
N ASP B 104 42.39 -2.04 34.21
CA ASP B 104 41.87 -2.05 32.82
C ASP B 104 41.12 -0.75 32.56
N PHE B 105 40.39 -0.35 33.58
CA PHE B 105 39.66 0.94 33.56
C PHE B 105 40.55 2.16 33.44
N GLU B 106 41.60 2.25 34.22
CA GLU B 106 42.51 3.41 34.20
C GLU B 106 43.34 3.54 32.92
N ASP B 107 43.51 2.40 32.25
CA ASP B 107 44.23 2.37 30.96
C ASP B 107 43.29 2.78 29.81
N LEU B 108 42.02 2.99 30.09
CA LEU B 108 41.08 3.48 29.05
C LEU B 108 41.48 4.89 28.60
N TYR B 109 41.57 5.12 27.27
CA TYR B 109 41.68 6.47 26.66
C TYR B 109 40.41 7.27 27.03
N THR B 110 39.29 6.85 26.46
CA THR B 110 37.99 7.60 26.45
C THR B 110 37.25 7.40 27.76
N PRO B 111 36.82 8.50 28.44
CA PRO B 111 36.17 8.39 29.75
C PRO B 111 34.79 7.66 29.79
N VAL B 112 34.60 6.92 30.87
CA VAL B 112 33.47 5.97 31.06
C VAL B 112 32.18 6.70 31.34
N ASN B 113 32.28 7.92 31.90
CA ASN B 113 31.10 8.72 32.32
C ASN B 113 29.96 8.62 31.32
N GLY B 114 28.74 8.28 31.80
CA GLY B 114 27.54 8.24 30.97
C GLY B 114 27.60 7.34 29.77
N SER B 115 28.57 6.43 29.74
CA SER B 115 28.66 5.42 28.67
C SER B 115 28.27 4.05 29.17
N ILE B 116 27.80 3.23 28.24
CA ILE B 116 27.63 1.79 28.50
C ILE B 116 29.00 1.17 28.35
N VAL B 117 29.26 0.19 29.19
CA VAL B 117 30.59 -0.47 29.27
C VAL B 117 30.43 -1.91 28.80
N ILE B 118 31.40 -2.40 28.06
CA ILE B 118 31.41 -3.84 27.73
C ILE B 118 32.68 -4.44 28.30
N VAL B 119 32.51 -5.58 28.97
CA VAL B 119 33.65 -6.30 29.58
C VAL B 119 33.59 -7.79 29.26
N ARG B 120 34.75 -8.44 29.26
CA ARG B 120 34.72 -9.92 29.16
C ARG B 120 34.57 -10.49 30.56
N ALA B 121 33.88 -11.58 30.71
CA ALA B 121 33.89 -12.33 31.99
C ALA B 121 35.32 -12.71 32.37
N GLY B 122 35.67 -12.71 33.67
CA GLY B 122 37.11 -12.86 33.98
C GLY B 122 37.42 -13.13 35.42
N LYS B 123 38.64 -12.74 35.85
CA LYS B 123 39.10 -12.78 37.24
C LYS B 123 38.04 -12.19 38.16
N ILE B 124 37.61 -10.99 37.86
CA ILE B 124 36.66 -10.25 38.74
C ILE B 124 35.30 -10.94 38.72
N THR B 125 34.58 -10.96 39.84
CA THR B 125 33.17 -11.38 39.84
C THR B 125 32.33 -10.40 39.04
N PHE B 126 31.16 -10.82 38.62
CA PHE B 126 30.23 -9.96 37.88
C PHE B 126 29.86 -8.75 38.74
N ALA B 127 29.52 -9.06 39.99
CA ALA B 127 29.10 -8.05 41.00
C ALA B 127 30.17 -6.97 41.12
N GLU B 128 31.43 -7.38 41.12
CA GLU B 128 32.57 -6.44 41.23
C GLU B 128 32.74 -5.61 39.96
N LYS B 129 32.69 -6.27 38.81
CA LYS B 129 32.78 -5.58 37.50
C LYS B 129 31.75 -4.46 37.44
N VAL B 130 30.51 -4.79 37.75
CA VAL B 130 29.43 -3.78 37.75
C VAL B 130 29.74 -2.65 38.71
N ALA B 131 30.10 -2.99 39.94
CA ALA B 131 30.44 -1.98 40.96
C ALA B 131 31.59 -1.09 40.49
N ASN B 132 32.70 -1.67 40.05
CA ASN B 132 33.80 -0.88 39.45
C ASN B 132 33.30 0.12 38.40
N ALA B 133 32.49 -0.40 37.49
CA ALA B 133 31.89 0.40 36.41
C ALA B 133 30.98 1.49 36.97
N GLU B 134 30.11 1.07 37.86
CA GLU B 134 29.12 1.98 38.45
C GLU B 134 29.88 3.07 39.17
N SER B 135 30.99 2.65 39.76
CA SER B 135 31.87 3.56 40.50
C SER B 135 32.43 4.68 39.64
N LEU B 136 32.49 4.45 38.32
CA LEU B 136 33.03 5.44 37.37
C LEU B 136 31.92 6.10 36.57
N ASN B 137 30.69 5.82 36.99
CA ASN B 137 29.47 6.43 36.40
C ASN B 137 29.10 5.87 35.02
N ALA B 138 29.47 4.62 34.76
CA ALA B 138 28.91 3.92 33.61
C ALA B 138 27.41 3.80 33.79
N ILE B 139 26.66 3.74 32.70
CA ILE B 139 25.18 3.74 32.76
C ILE B 139 24.62 2.32 32.57
N GLY B 140 25.50 1.42 32.15
CA GLY B 140 25.13 0.00 32.02
C GLY B 140 26.32 -0.83 31.68
N VAL B 141 26.15 -2.14 31.79
CA VAL B 141 27.27 -3.10 31.61
C VAL B 141 26.83 -4.26 30.74
N LEU B 142 27.63 -4.55 29.72
CA LEU B 142 27.49 -5.80 28.94
C LEU B 142 28.62 -6.73 29.31
N ILE B 143 28.33 -8.03 29.34
CA ILE B 143 29.34 -9.06 29.70
C ILE B 143 29.29 -10.17 28.68
N TYR B 144 30.43 -10.61 28.21
CA TYR B 144 30.50 -11.72 27.23
C TYR B 144 31.52 -12.76 27.65
N MET B 145 31.36 -13.99 27.19
CA MET B 145 32.43 -15.02 27.22
C MET B 145 32.95 -15.30 25.82
N ASP B 146 34.21 -15.72 25.74
CA ASP B 146 34.91 -15.80 24.45
C ASP B 146 35.56 -17.17 24.30
N GLN B 147 35.73 -17.57 23.05
CA GLN B 147 36.37 -18.86 22.72
C GLN B 147 37.77 -18.96 23.32
N THR B 148 38.51 -17.87 23.19
CA THR B 148 39.86 -17.73 23.78
C THR B 148 39.79 -17.05 25.14
N LYS B 149 39.18 -17.72 26.10
CA LYS B 149 38.91 -17.14 27.44
C LYS B 149 40.16 -17.36 28.31
N PRO C 6 -19.37 -25.55 -37.53
CA PRO C 6 -18.73 -25.20 -36.24
C PRO C 6 -17.73 -24.05 -36.40
N ASN C 7 -18.29 -22.85 -36.47
CA ASN C 7 -17.51 -21.58 -36.54
C ASN C 7 -17.49 -20.93 -35.17
N ILE C 8 -18.14 -21.58 -34.22
CA ILE C 8 -18.21 -21.01 -32.85
C ILE C 8 -17.51 -21.94 -31.87
N PRO C 9 -16.87 -21.39 -30.83
CA PRO C 9 -16.30 -22.21 -29.78
C PRO C 9 -17.43 -22.89 -28.99
N VAL C 10 -17.07 -24.14 -28.64
CA VAL C 10 -17.85 -24.99 -27.69
C VAL C 10 -16.91 -25.46 -26.61
N GLN C 11 -17.43 -25.54 -25.39
CA GLN C 11 -16.64 -25.94 -24.22
C GLN C 11 -17.51 -26.65 -23.20
N THR C 12 -16.90 -27.66 -22.58
CA THR C 12 -17.52 -28.45 -21.54
C THR C 12 -17.12 -27.86 -20.20
N ILE C 13 -18.07 -27.79 -19.27
CA ILE C 13 -17.72 -27.24 -17.94
C ILE C 13 -18.25 -28.17 -16.86
N SER C 14 -17.64 -28.14 -15.70
CA SER C 14 -18.18 -28.93 -14.58
C SER C 14 -19.44 -28.29 -14.03
N ARG C 15 -20.19 -29.12 -13.33
CA ARG C 15 -21.43 -28.79 -12.64
C ARG C 15 -21.20 -27.63 -11.67
N ALA C 16 -20.00 -27.57 -11.13
CA ALA C 16 -19.60 -26.53 -10.18
C ALA C 16 -19.46 -25.21 -10.92
N ALA C 17 -18.73 -25.24 -12.02
CA ALA C 17 -18.53 -24.03 -12.85
C ALA C 17 -19.87 -23.48 -13.33
N ALA C 18 -20.79 -24.37 -13.66
CA ALA C 18 -22.13 -23.96 -14.12
C ALA C 18 -22.84 -23.21 -13.00
N GLU C 19 -22.77 -23.77 -11.81
CA GLU C 19 -23.50 -23.21 -10.67
C GLU C 19 -22.90 -21.88 -10.28
N LYS C 20 -21.60 -21.75 -10.49
CA LYS C 20 -20.93 -20.47 -10.21
C LYS C 20 -21.43 -19.46 -11.22
N LEU C 21 -21.55 -19.88 -12.47
CA LEU C 21 -22.15 -19.01 -13.50
C LEU C 21 -23.57 -18.64 -13.12
N PHE C 22 -24.34 -19.61 -12.62
CA PHE C 22 -25.75 -19.33 -12.26
C PHE C 22 -25.79 -18.30 -11.16
N GLY C 23 -24.80 -18.39 -10.26
CA GLY C 23 -24.67 -17.41 -9.19
C GLY C 23 -24.70 -15.98 -9.67
N ASN C 24 -24.36 -15.78 -10.94
CA ASN C 24 -24.24 -14.42 -11.52
C ASN C 24 -25.30 -14.20 -12.57
N MET C 25 -26.37 -14.94 -12.49
CA MET C 25 -27.47 -14.82 -13.46
C MET C 25 -28.77 -14.56 -12.73
N GLU C 26 -29.71 -14.03 -13.50
CA GLU C 26 -30.99 -13.43 -13.04
C GLU C 26 -32.07 -14.09 -13.89
N GLY C 27 -33.30 -14.16 -13.36
CA GLY C 27 -34.33 -15.00 -13.94
C GLY C 27 -34.42 -16.29 -13.17
N ASP C 28 -35.62 -16.85 -13.07
CA ASP C 28 -35.79 -18.23 -12.59
C ASP C 28 -36.22 -19.12 -13.75
N CYS C 29 -35.74 -20.35 -13.76
CA CYS C 29 -36.03 -21.30 -14.84
C CYS C 29 -37.51 -21.67 -14.77
N PRO C 30 -38.09 -21.99 -15.94
CA PRO C 30 -39.42 -22.62 -16.04
C PRO C 30 -39.46 -23.89 -15.20
N SER C 31 -40.54 -23.98 -14.44
CA SER C 31 -40.89 -25.15 -13.60
C SER C 31 -40.87 -26.42 -14.44
N ASP C 32 -41.11 -26.23 -15.74
CA ASP C 32 -41.16 -27.27 -16.78
C ASP C 32 -39.82 -28.01 -16.90
N TRP C 33 -38.72 -27.25 -16.78
CA TRP C 33 -37.40 -27.92 -16.66
C TRP C 33 -37.26 -28.28 -15.20
N LYS C 34 -37.24 -29.55 -14.86
CA LYS C 34 -37.32 -29.93 -13.42
C LYS C 34 -35.94 -29.79 -12.76
N THR C 35 -35.49 -28.55 -12.70
CA THR C 35 -34.08 -28.19 -12.41
C THR C 35 -33.90 -27.96 -10.90
N ASP C 36 -32.70 -27.55 -10.51
CA ASP C 36 -32.41 -27.15 -9.12
C ASP C 36 -32.86 -25.72 -8.92
N SER C 37 -32.91 -25.32 -7.66
CA SER C 37 -33.39 -24.01 -7.20
C SER C 37 -32.42 -22.96 -7.77
N THR C 38 -31.16 -23.38 -7.83
CA THR C 38 -30.03 -22.48 -8.13
C THR C 38 -29.97 -22.12 -9.60
N CYS C 39 -30.62 -22.86 -10.50
CA CYS C 39 -30.52 -22.53 -11.94
C CYS C 39 -31.11 -21.15 -12.29
N ARG C 40 -30.46 -20.48 -13.23
CA ARG C 40 -30.87 -19.13 -13.68
C ARG C 40 -30.79 -19.05 -15.19
N MET C 41 -31.33 -17.99 -15.77
CA MET C 41 -31.65 -17.93 -17.23
C MET C 41 -30.68 -17.06 -18.01
N VAL C 42 -30.40 -15.88 -17.44
CA VAL C 42 -29.58 -14.84 -18.11
C VAL C 42 -28.68 -14.13 -17.12
N THR C 43 -27.55 -13.66 -17.61
CA THR C 43 -26.63 -12.79 -16.81
C THR C 43 -27.24 -11.41 -16.61
N SER C 44 -27.09 -10.88 -15.40
CA SER C 44 -27.46 -9.49 -15.05
C SER C 44 -26.78 -8.53 -16.03
N GLU C 45 -27.39 -7.36 -16.17
CA GLU C 45 -26.97 -6.35 -17.18
C GLU C 45 -25.47 -6.09 -17.09
N SER C 46 -25.00 -5.93 -15.85
CA SER C 46 -23.66 -5.39 -15.51
C SER C 46 -22.55 -6.39 -15.72
N LYS C 47 -22.92 -7.67 -15.89
CA LYS C 47 -21.90 -8.72 -16.12
C LYS C 47 -22.20 -9.46 -17.41
N ASN C 48 -21.13 -9.90 -18.02
CA ASN C 48 -21.08 -10.83 -19.18
C ASN C 48 -20.04 -11.91 -18.93
N VAL C 49 -20.15 -13.03 -19.63
CA VAL C 49 -19.13 -14.09 -19.58
C VAL C 49 -18.16 -13.99 -20.76
N LYS C 50 -16.92 -14.36 -20.52
CA LYS C 50 -15.93 -14.46 -21.60
C LYS C 50 -15.39 -15.87 -21.63
N LEU C 51 -15.43 -16.48 -22.80
CA LEU C 51 -14.98 -17.87 -22.99
C LEU C 51 -13.76 -17.87 -23.90
N THR C 52 -12.70 -18.54 -23.48
CA THR C 52 -11.46 -18.65 -24.26
C THR C 52 -11.13 -20.11 -24.47
N VAL C 53 -11.17 -20.54 -25.72
CA VAL C 53 -10.67 -21.88 -26.14
C VAL C 53 -9.42 -21.66 -26.96
N SER C 54 -8.33 -22.34 -26.58
CA SER C 54 -6.99 -22.04 -27.12
C SER C 54 -6.34 -23.33 -27.58
N ASN C 55 -5.49 -23.23 -28.60
CA ASN C 55 -4.71 -24.37 -29.11
C ASN C 55 -4.08 -25.10 -27.91
N ASP C 56 -3.69 -24.36 -26.86
CA ASP C 56 -3.28 -24.88 -25.52
C ASP C 56 -4.52 -25.06 -24.66
N SER C 57 -4.94 -26.32 -24.58
CA SER C 57 -6.05 -26.81 -23.77
C SER C 57 -5.79 -26.59 -22.29
N ALA C 58 -4.53 -26.37 -21.92
CA ALA C 58 -4.13 -25.87 -20.58
C ALA C 58 -4.75 -24.54 -20.21
N GLN C 59 -4.85 -23.62 -21.16
CA GLN C 59 -5.29 -22.25 -20.84
C GLN C 59 -6.63 -21.97 -21.46
N ASN C 60 -7.53 -22.94 -21.41
CA ASN C 60 -8.96 -22.64 -21.62
C ASN C 60 -9.45 -21.91 -20.40
N SER C 61 -10.36 -20.99 -20.55
CA SER C 61 -10.81 -20.26 -19.33
C SER C 61 -12.24 -19.82 -19.45
N VAL C 62 -12.98 -19.83 -18.35
CA VAL C 62 -14.31 -19.23 -18.34
C VAL C 62 -14.27 -18.15 -17.27
N ILE C 63 -14.56 -16.93 -17.70
CA ILE C 63 -14.39 -15.82 -16.75
C ILE C 63 -15.58 -14.92 -16.86
N ILE C 64 -15.93 -14.30 -15.75
CA ILE C 64 -17.02 -13.27 -15.73
C ILE C 64 -16.38 -11.88 -15.68
N VAL C 65 -16.91 -11.01 -16.52
CA VAL C 65 -16.33 -9.75 -17.02
C VAL C 65 -17.25 -8.58 -16.72
N ASP C 66 -16.58 -7.49 -16.44
CA ASP C 66 -17.02 -6.09 -16.29
C ASP C 66 -17.42 -5.57 -17.65
N LYS C 67 -18.36 -4.65 -17.73
CA LYS C 67 -18.71 -3.94 -18.98
C LYS C 67 -17.44 -3.45 -19.69
N ASN C 68 -16.41 -3.22 -18.89
CA ASN C 68 -15.09 -2.80 -19.36
C ASN C 68 -14.21 -3.92 -19.90
N GLY C 69 -14.73 -5.14 -19.93
CA GLY C 69 -13.92 -6.30 -20.31
C GLY C 69 -12.99 -6.78 -19.22
N ARG C 70 -12.97 -6.03 -18.12
CA ARG C 70 -12.20 -6.38 -16.92
C ARG C 70 -12.80 -7.57 -16.21
N LEU C 71 -11.95 -8.21 -15.44
CA LEU C 71 -12.17 -9.57 -14.86
C LEU C 71 -12.92 -9.37 -13.56
N VAL C 72 -13.90 -10.21 -13.28
CA VAL C 72 -14.61 -10.14 -12.00
C VAL C 72 -14.40 -11.48 -11.31
N TYR C 73 -14.64 -12.57 -12.01
CA TYR C 73 -14.62 -13.90 -11.39
C TYR C 73 -13.94 -14.84 -12.37
N LEU C 74 -12.93 -15.55 -11.92
CA LEU C 74 -12.47 -16.78 -12.62
C LEU C 74 -13.41 -17.92 -12.30
N VAL C 75 -13.99 -18.53 -13.32
CA VAL C 75 -15.01 -19.58 -13.11
C VAL C 75 -14.42 -20.96 -13.31
N GLU C 76 -13.53 -21.11 -14.30
CA GLU C 76 -12.85 -22.42 -14.40
C GLU C 76 -11.74 -22.38 -15.41
N ASN C 77 -10.90 -23.38 -15.36
CA ASN C 77 -9.96 -23.62 -16.49
C ASN C 77 -10.18 -24.98 -17.09
N PRO C 78 -11.19 -25.18 -17.97
CA PRO C 78 -11.57 -26.56 -18.34
C PRO C 78 -10.45 -27.43 -18.90
N GLY C 79 -10.28 -28.61 -18.30
CA GLY C 79 -9.19 -29.50 -18.67
C GLY C 79 -9.52 -30.26 -19.94
N GLY C 80 -10.82 -30.55 -20.09
CA GLY C 80 -11.30 -31.28 -21.28
C GLY C 80 -11.43 -30.36 -22.46
N TYR C 81 -11.57 -30.94 -23.64
CA TYR C 81 -11.96 -30.18 -24.84
C TYR C 81 -12.96 -30.97 -25.69
N VAL C 82 -13.73 -30.22 -26.48
CA VAL C 82 -14.58 -30.72 -27.57
C VAL C 82 -13.73 -30.71 -28.83
N ALA C 83 -13.80 -31.81 -29.56
CA ALA C 83 -13.00 -32.12 -30.76
C ALA C 83 -12.96 -30.92 -31.71
N LYS C 86 -13.83 -24.62 -32.36
CA LYS C 86 -13.02 -23.51 -32.93
C LYS C 86 -12.30 -22.81 -31.80
N ALA C 87 -11.00 -22.64 -32.03
CA ALA C 87 -10.09 -21.90 -31.13
C ALA C 87 -10.42 -20.43 -31.24
N ALA C 88 -11.03 -19.88 -30.19
CA ALA C 88 -11.48 -18.48 -30.24
C ALA C 88 -11.74 -17.91 -28.86
N THR C 89 -11.85 -16.59 -28.78
CA THR C 89 -12.21 -15.94 -27.51
C THR C 89 -13.42 -15.09 -27.78
N VAL C 90 -14.47 -15.30 -26.99
CA VAL C 90 -15.76 -14.60 -27.21
C VAL C 90 -16.29 -14.07 -25.89
N THR C 91 -16.88 -12.90 -25.95
CA THR C 91 -17.43 -12.19 -24.77
C THR C 91 -18.90 -11.88 -25.05
N GLY C 92 -19.77 -12.27 -24.15
CA GLY C 92 -21.17 -11.90 -24.23
C GLY C 92 -21.97 -12.27 -23.01
N LYS C 93 -23.25 -11.93 -23.08
CA LYS C 93 -24.36 -12.46 -22.27
C LYS C 93 -24.39 -13.99 -22.29
N LEU C 94 -24.79 -14.59 -21.18
CA LEU C 94 -24.95 -16.06 -21.14
C LEU C 94 -26.42 -16.38 -20.97
N VAL C 95 -26.92 -17.29 -21.82
CA VAL C 95 -28.35 -17.63 -21.87
C VAL C 95 -28.51 -19.14 -21.77
N HIS C 96 -29.38 -19.55 -20.85
CA HIS C 96 -29.65 -20.98 -20.65
C HIS C 96 -30.66 -21.39 -21.68
N ALA C 97 -30.46 -22.58 -22.26
CA ALA C 97 -31.35 -23.11 -23.30
C ALA C 97 -31.63 -24.56 -22.99
N ASN C 98 -31.57 -24.94 -21.74
CA ASN C 98 -31.88 -26.31 -21.32
C ASN C 98 -31.04 -27.32 -22.11
N PHE C 99 -31.70 -28.17 -22.90
CA PHE C 99 -31.00 -29.21 -23.66
C PHE C 99 -30.56 -28.71 -25.03
N GLY C 100 -30.89 -27.47 -25.35
CA GLY C 100 -30.55 -26.90 -26.65
C GLY C 100 -31.23 -27.61 -27.78
N THR C 101 -32.39 -28.20 -27.50
CA THR C 101 -33.26 -28.74 -28.57
C THR C 101 -33.82 -27.57 -29.36
N LYS C 102 -34.14 -27.82 -30.63
CA LYS C 102 -34.81 -26.79 -31.45
C LYS C 102 -36.05 -26.28 -30.73
N LYS C 103 -36.80 -27.20 -30.13
CA LYS C 103 -38.01 -26.91 -29.32
C LYS C 103 -37.70 -26.02 -28.12
N ASP C 104 -36.68 -26.37 -27.38
CA ASP C 104 -36.26 -25.60 -26.17
C ASP C 104 -35.96 -24.17 -26.60
N PHE C 105 -35.28 -24.10 -27.72
CA PHE C 105 -34.90 -22.81 -28.35
C PHE C 105 -36.09 -21.97 -28.77
N GLU C 106 -37.07 -22.56 -29.45
CA GLU C 106 -38.24 -21.80 -29.93
C GLU C 106 -39.16 -21.32 -28.82
N ASP C 107 -39.10 -22.01 -27.69
CA ASP C 107 -39.91 -21.63 -26.50
C ASP C 107 -39.20 -20.50 -25.72
N LEU C 108 -38.00 -20.11 -26.13
CA LEU C 108 -37.09 -19.42 -25.18
C LEU C 108 -37.40 -17.92 -25.19
N TYR C 109 -37.69 -17.41 -23.99
CA TYR C 109 -38.05 -16.01 -23.70
C TYR C 109 -36.94 -15.10 -24.23
N THR C 110 -35.71 -15.26 -23.74
CA THR C 110 -34.55 -14.38 -24.07
C THR C 110 -33.91 -14.81 -25.38
N PRO C 111 -33.73 -13.89 -26.36
CA PRO C 111 -33.17 -14.26 -27.66
C PRO C 111 -31.65 -14.55 -27.60
N VAL C 112 -31.27 -15.57 -28.36
CA VAL C 112 -29.88 -16.12 -28.33
C VAL C 112 -28.93 -15.24 -29.12
N ASN C 113 -29.42 -14.40 -30.03
CA ASN C 113 -28.51 -13.78 -31.04
C ASN C 113 -27.39 -13.02 -30.32
N GLY C 114 -26.16 -13.20 -30.80
CA GLY C 114 -25.00 -12.52 -30.22
C GLY C 114 -24.61 -12.93 -28.82
N SER C 115 -25.29 -13.93 -28.26
CA SER C 115 -25.01 -14.34 -26.87
C SER C 115 -24.34 -15.70 -26.82
N ILE C 116 -23.65 -15.93 -25.73
CA ILE C 116 -23.14 -17.27 -25.39
C ILE C 116 -24.31 -18.03 -24.81
N VAL C 117 -24.35 -19.31 -25.14
CA VAL C 117 -25.46 -20.20 -24.71
C VAL C 117 -24.93 -21.22 -23.74
N ILE C 118 -25.69 -21.54 -22.73
CA ILE C 118 -25.32 -22.68 -21.85
C ILE C 118 -26.43 -23.71 -21.92
N VAL C 119 -26.03 -24.96 -22.10
CA VAL C 119 -26.99 -26.09 -22.18
C VAL C 119 -26.54 -27.27 -21.32
N ARG C 120 -27.51 -28.06 -20.91
CA ARG C 120 -27.28 -29.37 -20.29
C ARG C 120 -26.96 -30.43 -21.35
N ALA C 121 -25.99 -31.29 -21.12
CA ALA C 121 -25.85 -32.52 -21.92
C ALA C 121 -27.13 -33.39 -21.79
N GLY C 122 -27.58 -34.08 -22.83
CA GLY C 122 -28.99 -34.53 -22.73
C GLY C 122 -29.54 -35.13 -23.99
N LYS C 123 -30.80 -34.83 -24.31
CA LYS C 123 -31.64 -35.54 -25.29
C LYS C 123 -30.89 -35.74 -26.60
N ILE C 124 -30.28 -34.68 -27.10
CA ILE C 124 -29.61 -34.68 -28.41
C ILE C 124 -28.09 -34.62 -28.27
N THR C 125 -27.43 -34.87 -29.38
CA THR C 125 -25.96 -34.84 -29.48
C THR C 125 -25.43 -33.45 -29.22
N PHE C 126 -24.18 -33.37 -28.83
CA PHE C 126 -23.46 -32.08 -28.70
C PHE C 126 -23.49 -31.34 -30.04
N ALA C 127 -23.15 -32.09 -31.08
CA ALA C 127 -23.12 -31.60 -32.48
C ALA C 127 -24.42 -30.87 -32.83
N GLU C 128 -25.55 -31.45 -32.43
CA GLU C 128 -26.87 -30.86 -32.71
C GLU C 128 -27.10 -29.57 -31.92
N LYS C 129 -26.82 -29.65 -30.62
CA LYS C 129 -26.96 -28.48 -29.71
C LYS C 129 -26.20 -27.30 -30.31
N VAL C 130 -24.94 -27.53 -30.66
CA VAL C 130 -24.10 -26.46 -31.24
C VAL C 130 -24.74 -25.92 -32.53
N ALA C 131 -25.11 -26.82 -33.42
CA ALA C 131 -25.76 -26.42 -34.69
C ALA C 131 -27.03 -25.62 -34.46
N ASN C 132 -27.94 -26.13 -33.63
CA ASN C 132 -29.19 -25.38 -33.29
C ASN C 132 -28.86 -23.97 -32.82
N ALA C 133 -27.92 -23.88 -31.88
CA ALA C 133 -27.52 -22.59 -31.32
C ALA C 133 -26.86 -21.72 -32.39
N GLU C 134 -25.94 -22.33 -33.13
CA GLU C 134 -25.19 -21.59 -34.16
C GLU C 134 -26.18 -21.08 -35.17
N SER C 135 -27.21 -21.87 -35.38
CA SER C 135 -28.29 -21.56 -36.32
C SER C 135 -29.03 -20.28 -35.92
N LEU C 136 -28.99 -19.93 -34.65
CA LEU C 136 -29.70 -18.74 -34.15
C LEU C 136 -28.71 -17.62 -33.82
N ASN C 137 -27.47 -17.82 -34.23
CA ASN C 137 -26.39 -16.82 -34.12
C ASN C 137 -25.84 -16.69 -32.73
N ALA C 138 -25.89 -17.74 -31.93
CA ALA C 138 -25.11 -17.77 -30.69
C ALA C 138 -23.63 -17.66 -31.03
N ILE C 139 -22.86 -17.11 -30.11
CA ILE C 139 -21.42 -16.85 -30.38
C ILE C 139 -20.53 -17.89 -29.71
N GLY C 140 -21.14 -18.70 -28.85
CA GLY C 140 -20.42 -19.76 -28.14
C GLY C 140 -21.36 -20.63 -27.37
N VAL C 141 -20.86 -21.79 -26.99
CA VAL C 141 -21.70 -22.80 -26.30
C VAL C 141 -20.96 -23.40 -25.11
N LEU C 142 -21.60 -23.38 -23.95
CA LEU C 142 -21.13 -24.14 -22.78
C LEU C 142 -22.01 -25.35 -22.57
N ILE C 143 -21.43 -26.44 -22.12
CA ILE C 143 -22.17 -27.70 -21.90
C ILE C 143 -21.77 -28.25 -20.54
N TYR C 144 -22.74 -28.65 -19.75
CA TYR C 144 -22.47 -29.22 -18.42
C TYR C 144 -23.26 -30.50 -18.24
N MET C 145 -22.77 -31.39 -17.37
CA MET C 145 -23.46 -32.64 -17.08
C MET C 145 -24.15 -32.45 -15.74
N ASP C 146 -25.47 -32.34 -15.68
CA ASP C 146 -26.09 -32.59 -14.34
C ASP C 146 -26.08 -34.09 -14.11
N GLN C 147 -26.08 -34.45 -12.83
CA GLN C 147 -25.91 -35.86 -12.41
C GLN C 147 -26.98 -36.77 -13.01
N THR C 148 -28.21 -36.30 -12.95
CA THR C 148 -29.36 -37.01 -13.57
C THR C 148 -29.09 -37.13 -15.07
N LYS C 149 -29.43 -38.28 -15.66
CA LYS C 149 -28.93 -38.64 -17.01
C LYS C 149 -30.03 -39.01 -18.00
N PHE C 150 -29.87 -38.47 -19.21
CA PHE C 150 -30.91 -38.43 -20.28
C PHE C 150 -30.35 -38.98 -21.58
N PRO C 151 -30.24 -40.32 -21.72
CA PRO C 151 -29.55 -40.94 -22.85
C PRO C 151 -30.07 -40.46 -24.21
N ILE C 152 -29.16 -40.10 -25.14
CA ILE C 152 -29.46 -39.60 -26.53
C ILE C 152 -30.20 -40.73 -27.25
N VAL C 153 -31.10 -40.41 -28.17
CA VAL C 153 -31.93 -41.39 -28.91
C VAL C 153 -31.55 -41.29 -30.41
N ASN C 154 -31.41 -42.44 -31.11
CA ASN C 154 -30.98 -42.52 -32.54
C ASN C 154 -31.60 -43.75 -33.20
N SER D 19 -7.76 35.83 2.48
CA SER D 19 -8.07 34.35 2.37
C SER D 19 -7.91 33.62 3.70
N VAL D 20 -8.88 32.76 4.00
CA VAL D 20 -8.88 32.01 5.27
C VAL D 20 -8.67 30.52 5.00
N PHE D 21 -7.80 29.91 5.81
CA PHE D 21 -7.58 28.46 5.76
C PHE D 21 -7.73 27.86 7.16
N LEU D 22 -8.78 27.07 7.37
CA LEU D 22 -9.02 26.40 8.66
C LEU D 22 -8.54 24.96 8.60
N PHE D 23 -7.63 24.59 9.50
CA PHE D 23 -6.97 23.27 9.47
C PHE D 23 -7.41 22.42 10.66
N PRO D 24 -7.57 21.09 10.46
CA PRO D 24 -7.85 20.16 11.56
C PRO D 24 -6.64 19.78 12.37
N PRO D 25 -6.85 19.22 13.58
CA PRO D 25 -5.73 18.72 14.39
C PRO D 25 -5.16 17.42 13.83
N LYS D 26 -3.92 17.10 14.18
CA LYS D 26 -3.29 15.86 13.72
C LYS D 26 -3.95 14.67 14.42
N PRO D 27 -4.28 13.62 13.65
CA PRO D 27 -4.77 12.35 14.19
C PRO D 27 -4.18 11.88 15.51
N LYS D 28 -2.86 11.86 15.58
CA LYS D 28 -2.15 11.41 16.80
C LYS D 28 -2.50 12.29 17.99
N ASP D 29 -2.67 13.59 17.74
CA ASP D 29 -2.96 14.55 18.83
C ASP D 29 -4.33 14.28 19.42
N THR D 30 -5.25 13.82 18.60
CA THR D 30 -6.64 13.54 19.03
C THR D 30 -6.73 12.16 19.64
N LEU D 31 -5.86 11.26 19.20
CA LEU D 31 -5.92 9.83 19.57
C LEU D 31 -5.16 9.57 20.86
N TYR D 32 -4.05 10.29 21.06
CA TYR D 32 -3.24 10.14 22.28
C TYR D 32 -3.69 11.12 23.34
N ILE D 33 -4.02 10.67 24.53
CA ILE D 33 -4.65 11.59 25.52
C ILE D 33 -3.60 12.55 26.05
N THR D 34 -2.36 12.09 26.11
CA THR D 34 -1.24 12.89 26.65
C THR D 34 -0.96 14.11 25.75
N ARG D 35 -1.19 13.91 24.45
CA ARG D 35 -0.90 14.93 23.43
C ARG D 35 -2.00 15.97 23.40
N GLU D 36 -1.71 17.08 22.70
CA GLU D 36 -2.58 18.26 22.66
C GLU D 36 -3.03 18.53 21.22
N PRO D 37 -4.32 18.27 20.90
CA PRO D 37 -4.84 18.56 19.56
C PRO D 37 -5.26 20.02 19.44
N GLU D 38 -5.14 20.55 18.21
CA GLU D 38 -5.46 21.95 17.90
C GLU D 38 -6.16 22.08 16.56
N VAL D 39 -7.13 22.99 16.47
CA VAL D 39 -7.61 23.54 15.17
C VAL D 39 -6.88 24.83 14.88
N THR D 40 -6.49 25.03 13.64
CA THR D 40 -5.65 26.19 13.26
C THR D 40 -6.37 27.03 12.21
N CYS D 41 -6.68 28.28 12.55
CA CYS D 41 -7.28 29.23 11.61
C CYS D 41 -6.19 30.13 11.05
N VAL D 42 -5.89 29.94 9.78
CA VAL D 42 -4.85 30.76 9.09
C VAL D 42 -5.50 31.82 8.24
N VAL D 43 -5.01 33.06 8.36
CA VAL D 43 -5.49 34.22 7.54
C VAL D 43 -4.40 34.74 6.59
N VAL D 44 -4.62 34.57 5.29
CA VAL D 44 -3.55 34.74 4.28
C VAL D 44 -3.98 35.86 3.38
N ASP D 45 -3.06 36.79 3.06
CA ASP D 45 -3.35 37.96 2.20
C ASP D 45 -4.48 38.80 2.81
N GLU D 52 -5.14 44.38 10.98
CA GLU D 52 -5.96 44.19 12.22
C GLU D 52 -6.98 43.09 12.01
N VAL D 53 -6.94 42.07 12.86
CA VAL D 53 -7.87 40.92 12.71
C VAL D 53 -8.53 40.63 14.05
N LYS D 54 -9.85 40.56 14.06
CA LYS D 54 -10.61 40.02 15.21
C LYS D 54 -10.94 38.56 14.96
N PHE D 55 -10.61 37.69 15.92
CA PHE D 55 -10.97 36.25 15.83
C PHE D 55 -12.07 35.90 16.83
N ASN D 56 -13.07 35.19 16.34
CA ASN D 56 -14.12 34.60 17.20
C ASN D 56 -14.19 33.11 16.93
N TRP D 57 -14.07 32.32 17.99
CA TRP D 57 -14.15 30.85 17.89
C TRP D 57 -15.47 30.33 18.42
N TYR D 58 -15.97 29.29 17.78
CA TYR D 58 -17.25 28.68 18.18
C TYR D 58 -17.16 27.16 18.15
N VAL D 59 -17.70 26.52 19.18
CA VAL D 59 -17.78 25.05 19.21
C VAL D 59 -19.25 24.65 19.29
N ASP D 60 -19.74 24.07 18.20
CA ASP D 60 -21.16 23.70 18.04
C ASP D 60 -22.04 24.94 18.22
N GLY D 61 -21.56 26.08 17.74
CA GLY D 61 -22.32 27.33 17.80
C GLY D 61 -22.07 28.12 19.06
N VAL D 62 -21.48 27.48 20.07
CA VAL D 62 -21.18 28.12 21.36
C VAL D 62 -19.80 28.74 21.32
N GLU D 63 -19.70 30.03 21.62
CA GLU D 63 -18.40 30.74 21.56
C GLU D 63 -17.48 30.35 22.70
N VAL D 64 -16.22 30.08 22.39
CA VAL D 64 -15.18 29.79 23.40
C VAL D 64 -13.98 30.68 23.12
N HIS D 65 -13.11 30.88 24.11
CA HIS D 65 -12.02 31.88 23.97
C HIS D 65 -10.68 31.34 24.43
N ASN D 66 -10.43 30.05 24.22
CA ASN D 66 -9.22 29.38 24.70
C ASN D 66 -8.10 29.53 23.69
N ALA D 67 -8.39 30.16 22.56
CA ALA D 67 -7.43 30.23 21.45
C ALA D 67 -6.39 31.33 21.68
N LYS D 68 -5.29 31.19 20.96
CA LYS D 68 -4.17 32.11 20.84
C LYS D 68 -4.36 32.87 19.54
N THR D 69 -3.57 33.89 19.41
CA THR D 69 -3.63 34.89 18.32
C THR D 69 -2.22 35.23 17.79
N SER D 78 6.17 40.11 2.28
CA SER D 78 5.33 40.21 1.06
C SER D 78 3.86 40.40 1.47
N THR D 79 3.31 39.43 2.21
CA THR D 79 1.87 39.30 2.56
C THR D 79 1.72 38.92 4.05
N TYR D 80 1.01 39.72 4.85
CA TYR D 80 0.76 39.46 6.29
C TYR D 80 -0.26 38.33 6.43
N VAL D 82 -0.72 35.42 9.88
CA VAL D 82 -1.63 35.53 11.07
C VAL D 82 -2.23 34.17 11.38
N VAL D 83 -2.08 33.73 12.61
CA VAL D 83 -2.63 32.43 13.05
C VAL D 83 -3.41 32.64 14.36
N SER D 84 -4.61 32.06 14.43
CA SER D 84 -5.24 31.74 15.74
C SER D 84 -5.33 30.24 15.95
N VAL D 85 -4.82 29.77 17.07
CA VAL D 85 -4.84 28.31 17.36
C VAL D 85 -5.71 28.05 18.57
N LEU D 86 -6.65 27.09 18.45
CA LEU D 86 -7.58 26.71 19.51
C LEU D 86 -7.36 25.25 19.89
N THR D 87 -7.03 25.03 21.16
CA THR D 87 -6.96 23.68 21.74
C THR D 87 -8.37 23.09 21.83
N VAL D 88 -8.49 21.86 21.30
CA VAL D 88 -9.80 21.16 21.32
C VAL D 88 -9.75 20.00 22.30
N LEU D 89 -10.91 19.63 22.83
CA LEU D 89 -11.03 18.45 23.71
C LEU D 89 -11.08 17.19 22.85
N HIS D 90 -10.46 16.11 23.31
CA HIS D 90 -10.18 14.95 22.42
C HIS D 90 -11.50 14.37 21.94
N GLN D 91 -12.41 14.19 22.88
CA GLN D 91 -13.70 13.53 22.59
C GLN D 91 -14.68 14.50 21.96
N ASP D 92 -14.51 15.79 22.22
CA ASP D 92 -15.34 16.81 21.54
C ASP D 92 -15.12 16.72 20.03
N TRP D 93 -13.88 16.56 19.64
CA TRP D 93 -13.50 16.49 18.21
C TRP D 93 -13.91 15.14 17.65
N LEU D 94 -13.74 14.09 18.43
CA LEU D 94 -14.03 12.71 17.97
C LEU D 94 -15.53 12.45 17.86
N ASN D 95 -16.31 13.19 18.63
CA ASN D 95 -17.79 13.00 18.62
C ASN D 95 -18.42 13.76 17.46
N GLY D 96 -17.71 14.72 16.88
CA GLY D 96 -18.18 15.39 15.66
C GLY D 96 -18.73 16.76 15.94
N LYS D 97 -18.13 17.47 16.88
CA LYS D 97 -18.42 18.90 17.08
C LYS D 97 -17.85 19.70 15.91
N GLU D 98 -18.59 20.72 15.51
CA GLU D 98 -18.16 21.65 14.44
C GLU D 98 -17.43 22.84 15.03
N TYR D 99 -16.33 23.23 14.42
CA TYR D 99 -15.51 24.35 14.89
C TYR D 99 -15.60 25.50 13.88
N LYS D 100 -16.18 26.61 14.29
CA LYS D 100 -16.33 27.77 13.40
C LYS D 100 -15.33 28.84 13.76
N CYS D 101 -14.57 29.28 12.77
CA CYS D 101 -13.65 30.43 12.91
C CYS D 101 -14.24 31.64 12.21
N LYS D 102 -14.44 32.72 12.96
CA LYS D 102 -15.01 33.97 12.41
C LYS D 102 -13.95 35.04 12.34
N VAL D 103 -13.64 35.49 11.14
CA VAL D 103 -12.59 36.53 10.92
C VAL D 103 -13.24 37.86 10.59
N SER D 104 -12.95 38.88 11.39
CA SER D 104 -13.46 40.25 11.19
C SER D 104 -12.32 41.19 10.85
N ASN D 105 -12.55 42.00 9.82
CA ASN D 105 -11.61 43.08 9.42
C ASN D 105 -12.42 44.32 8.99
N LYS D 106 -11.84 45.51 9.19
CA LYS D 106 -12.36 46.79 8.62
C LYS D 106 -12.17 46.79 7.09
N ALA D 107 -11.13 46.12 6.59
CA ALA D 107 -10.82 45.99 5.14
C ALA D 107 -11.80 45.01 4.46
N LEU D 108 -12.50 44.18 5.23
CA LEU D 108 -13.62 43.32 4.74
C LEU D 108 -14.94 44.03 5.05
N GLY D 109 -15.83 44.14 4.04
CA GLY D 109 -17.23 44.55 4.21
C GLY D 109 -17.97 43.57 5.11
N ALA D 110 -17.72 42.27 4.92
CA ALA D 110 -18.41 41.15 5.58
C ALA D 110 -17.41 40.27 6.33
N PRO D 111 -17.62 40.01 7.64
CA PRO D 111 -16.75 39.05 8.34
C PRO D 111 -16.95 37.60 7.85
N ILE D 112 -15.83 36.89 7.70
CA ILE D 112 -15.91 35.54 7.05
C ILE D 112 -15.95 34.46 8.14
N GLU D 113 -16.87 33.54 7.96
CA GLU D 113 -17.02 32.36 8.83
C GLU D 113 -16.65 31.09 8.06
N LYS D 114 -15.73 30.31 8.62
CA LYS D 114 -15.34 29.01 8.08
C LYS D 114 -15.53 27.96 9.16
N THR D 115 -16.05 26.80 8.76
CA THR D 115 -16.40 25.71 9.67
C THR D 115 -15.75 24.42 9.23
N ILE D 116 -15.16 23.71 10.18
CA ILE D 116 -14.69 22.33 9.95
C ILE D 116 -15.20 21.41 11.05
N SER D 117 -15.16 20.11 10.77
CA SER D 117 -15.51 19.07 11.75
C SER D 117 -14.80 17.77 11.37
N LYS D 118 -14.92 16.80 12.26
CA LYS D 118 -14.48 15.40 11.99
C LYS D 118 -15.17 14.88 10.75
N ALA D 119 -14.44 14.15 9.92
CA ALA D 119 -14.98 13.53 8.70
C ALA D 119 -16.22 12.75 9.02
N LYS D 120 -17.33 13.06 8.36
CA LYS D 120 -18.62 12.38 8.64
C LYS D 120 -18.65 10.97 8.06
N GLY D 121 -19.35 10.08 8.72
CA GLY D 121 -19.35 8.67 8.31
C GLY D 121 -19.22 7.80 9.52
N GLN D 122 -19.83 6.61 9.49
CA GLN D 122 -19.63 5.59 10.53
C GLN D 122 -18.17 5.15 10.56
N PRO D 123 -17.49 5.28 11.73
CA PRO D 123 -16.15 4.76 11.88
C PRO D 123 -16.07 3.25 11.65
N ARG D 124 -15.06 2.83 10.93
CA ARG D 124 -14.84 1.39 10.66
C ARG D 124 -13.45 0.97 11.16
N GLU D 125 -13.41 -0.14 11.87
CA GLU D 125 -12.19 -0.66 12.49
C GLU D 125 -11.22 -1.18 11.43
N PRO D 126 -9.95 -0.71 11.47
CA PRO D 126 -8.90 -1.20 10.58
C PRO D 126 -8.53 -2.67 10.82
N GLN D 127 -8.35 -3.40 9.73
CA GLN D 127 -7.81 -4.77 9.80
C GLN D 127 -6.32 -4.71 9.60
N VAL D 128 -5.56 -5.25 10.54
CA VAL D 128 -4.09 -5.16 10.44
C VAL D 128 -3.47 -6.55 10.22
N TYR D 129 -2.82 -6.72 9.09
CA TYR D 129 -2.15 -7.99 8.76
C TYR D 129 -0.70 -7.74 8.39
N THR D 130 0.19 -8.53 8.95
CA THR D 130 1.63 -8.49 8.62
C THR D 130 1.97 -9.59 7.66
N LEU D 131 2.86 -9.30 6.72
CA LEU D 131 3.24 -10.27 5.68
C LEU D 131 4.76 -10.39 5.72
N PRO D 132 5.28 -11.62 5.60
CA PRO D 132 6.73 -11.81 5.55
C PRO D 132 7.27 -11.53 4.15
N PRO D 133 8.60 -11.44 4.01
CA PRO D 133 9.21 -11.20 2.71
C PRO D 133 8.97 -12.29 1.68
N SER D 134 8.88 -11.83 0.42
CA SER D 134 8.67 -12.69 -0.76
C SER D 134 9.89 -13.60 -0.91
N ARG D 135 9.68 -14.82 -1.42
CA ARG D 135 10.72 -15.88 -1.44
C ARG D 135 11.84 -15.35 -2.31
N ASP D 136 11.48 -14.65 -3.39
CA ASP D 136 12.39 -14.02 -4.39
C ASP D 136 13.22 -12.91 -3.76
N GLU D 137 12.68 -12.28 -2.72
CA GLU D 137 13.26 -11.06 -2.08
C GLU D 137 14.32 -11.48 -1.09
N LEU D 138 14.41 -12.77 -0.77
CA LEU D 138 15.39 -13.23 0.21
C LEU D 138 16.78 -13.38 -0.39
N THR D 139 16.86 -13.16 -1.69
CA THR D 139 18.10 -13.11 -2.50
C THR D 139 18.94 -11.92 -2.06
N LYS D 140 18.24 -10.89 -1.58
CA LYS D 140 18.84 -9.57 -1.30
C LYS D 140 19.36 -9.49 0.13
N ASN D 141 20.37 -8.63 0.35
CA ASN D 141 20.94 -8.45 1.70
C ASN D 141 19.94 -7.83 2.66
N GLN D 142 19.04 -7.01 2.11
CA GLN D 142 17.95 -6.36 2.91
C GLN D 142 16.57 -6.71 2.37
N VAL D 143 15.62 -6.89 3.28
CA VAL D 143 14.29 -7.44 2.91
C VAL D 143 13.23 -6.53 3.50
N SER D 144 12.02 -6.64 2.98
CA SER D 144 10.89 -5.79 3.40
C SER D 144 9.89 -6.60 4.20
N LEU D 145 9.48 -6.05 5.34
CA LEU D 145 8.32 -6.58 6.10
C LEU D 145 7.13 -5.68 5.83
N THR D 146 6.01 -6.29 5.51
CA THR D 146 4.84 -5.53 5.03
C THR D 146 3.72 -5.54 6.07
N CYS D 147 3.10 -4.39 6.20
CA CYS D 147 1.97 -4.22 7.15
C CYS D 147 0.76 -3.70 6.40
N LEU D 148 -0.23 -4.58 6.19
CA LEU D 148 -1.48 -4.19 5.53
C LEU D 148 -2.48 -3.68 6.58
N VAL D 149 -2.90 -2.45 6.40
CA VAL D 149 -3.97 -1.84 7.24
C VAL D 149 -5.13 -1.47 6.33
N LYS D 150 -6.24 -2.17 6.47
CA LYS D 150 -7.37 -2.19 5.51
C LYS D 150 -8.71 -1.89 6.20
N GLY D 151 -9.68 -1.37 5.44
CA GLY D 151 -11.07 -1.35 5.87
C GLY D 151 -11.34 -0.41 7.02
N PHE D 152 -10.67 0.73 7.03
CA PHE D 152 -10.89 1.72 8.10
C PHE D 152 -11.50 3.01 7.58
N TYR D 153 -12.24 3.67 8.44
CA TYR D 153 -12.82 4.99 8.18
C TYR D 153 -12.96 5.71 9.50
N PRO D 154 -12.64 7.03 9.57
CA PRO D 154 -12.09 7.85 8.47
C PRO D 154 -10.62 7.56 8.17
N SER D 155 -10.04 8.37 7.30
CA SER D 155 -8.66 8.23 6.81
C SER D 155 -7.64 8.52 7.90
N ASP D 156 -8.05 9.23 8.95
CA ASP D 156 -7.18 9.57 10.08
C ASP D 156 -6.57 8.32 10.72
N ILE D 157 -5.26 8.19 10.60
CA ILE D 157 -4.57 6.95 11.08
C ILE D 157 -3.08 7.21 11.31
N ALA D 158 -2.48 6.45 12.22
CA ALA D 158 -1.04 6.50 12.51
C ALA D 158 -0.48 5.09 12.49
N VAL D 159 0.63 4.91 11.81
CA VAL D 159 1.30 3.59 11.72
C VAL D 159 2.76 3.73 12.06
N GLU D 160 3.21 2.96 13.05
CA GLU D 160 4.66 2.81 13.38
C GLU D 160 5.11 1.35 13.36
N TRP D 161 6.33 1.08 12.92
CA TRP D 161 6.99 -0.23 13.16
C TRP D 161 8.04 -0.14 14.26
N GLU D 162 8.19 -1.20 15.04
CA GLU D 162 9.07 -1.22 16.22
C GLU D 162 9.53 -2.66 16.51
N SER D 163 10.61 -2.75 17.28
CA SER D 163 11.12 -4.01 17.84
C SER D 163 11.70 -3.78 19.22
N TYR D 164 11.26 -4.65 20.13
CA TYR D 164 11.56 -4.66 21.58
C TYR D 164 11.40 -3.25 22.15
N GLY D 165 10.24 -2.68 21.89
CA GLY D 165 9.80 -1.43 22.50
C GLY D 165 10.47 -0.23 21.91
N THR D 166 11.25 -0.43 20.84
CA THR D 166 11.97 0.70 20.18
C THR D 166 11.49 0.91 18.76
N GLU D 167 11.19 2.15 18.36
CA GLU D 167 10.69 2.41 16.99
C GLU D 167 11.79 2.25 15.94
N TRP D 168 11.42 1.67 14.80
CA TRP D 168 12.30 1.42 13.68
C TRP D 168 12.44 2.70 12.86
N SER D 169 13.70 3.05 12.61
CA SER D 169 14.03 4.19 11.71
C SER D 169 13.72 3.90 10.24
N SER D 170 14.08 2.70 9.81
CA SER D 170 14.02 2.32 8.37
C SER D 170 12.65 1.84 7.94
N TYR D 171 11.59 2.63 8.08
CA TYR D 171 10.30 2.14 7.51
C TYR D 171 9.55 3.29 6.86
N LYS D 172 8.73 3.02 5.85
CA LYS D 172 7.95 4.08 5.21
C LYS D 172 6.55 3.58 4.96
N THR D 173 5.61 4.52 4.96
CA THR D 173 4.15 4.21 4.91
C THR D 173 3.47 4.99 3.80
N THR D 174 2.80 4.29 2.91
CA THR D 174 2.02 4.93 1.83
C THR D 174 0.90 5.74 2.46
N PRO D 175 0.47 6.84 1.82
CA PRO D 175 -0.73 7.51 2.29
C PRO D 175 -1.94 6.60 2.11
N PRO D 176 -3.01 6.90 2.89
CA PRO D 176 -4.31 6.22 2.73
C PRO D 176 -4.81 6.21 1.29
N VAL D 177 -5.38 5.10 0.88
CA VAL D 177 -5.98 4.97 -0.47
C VAL D 177 -7.45 4.64 -0.33
N LEU D 178 -8.30 5.38 -1.03
CA LEU D 178 -9.75 5.12 -0.97
C LEU D 178 -10.06 3.80 -1.66
N ASP D 179 -10.68 2.88 -0.94
CA ASP D 179 -11.07 1.59 -1.52
C ASP D 179 -12.43 1.71 -2.21
N SER D 180 -12.86 0.62 -2.80
CA SER D 180 -14.11 0.59 -3.61
C SER D 180 -15.31 0.62 -2.70
N ASP D 181 -15.16 0.16 -1.46
CA ASP D 181 -16.32 0.04 -0.55
C ASP D 181 -16.48 1.28 0.31
N GLY D 182 -15.69 2.31 0.05
CA GLY D 182 -15.76 3.56 0.81
C GLY D 182 -14.82 3.63 1.99
N SER D 183 -14.08 2.56 2.19
CA SER D 183 -13.06 2.43 3.25
C SER D 183 -11.71 2.89 2.73
N PHE D 184 -10.76 3.01 3.65
CA PHE D 184 -9.37 3.32 3.27
C PHE D 184 -8.48 2.14 3.60
N PHE D 185 -7.35 2.07 2.90
CA PHE D 185 -6.30 1.09 3.24
C PHE D 185 -4.96 1.73 3.00
N LEU D 186 -3.92 1.11 3.51
CA LEU D 186 -2.53 1.52 3.24
C LEU D 186 -1.57 0.36 3.50
N TYR D 187 -0.33 0.61 3.18
CA TYR D 187 0.77 -0.35 3.40
C TYR D 187 1.89 0.36 4.14
N SER D 188 2.54 -0.37 5.03
CA SER D 188 3.78 0.09 5.68
C SER D 188 4.89 -0.91 5.38
N LYS D 189 6.04 -0.40 4.98
CA LYS D 189 7.16 -1.28 4.63
C LYS D 189 8.34 -1.01 5.55
N LEU D 190 8.64 -1.98 6.39
CA LEU D 190 9.88 -1.94 7.20
C LEU D 190 10.98 -2.70 6.47
N THR D 191 12.10 -2.03 6.28
CA THR D 191 13.31 -2.64 5.68
C THR D 191 14.31 -2.97 6.76
N VAL D 192 14.74 -4.22 6.77
CA VAL D 192 15.70 -4.76 7.76
C VAL D 192 16.77 -5.54 7.02
N THR D 193 17.99 -5.63 7.53
CA THR D 193 18.95 -6.63 7.04
C THR D 193 18.35 -8.02 7.15
N LYS D 194 18.48 -8.79 6.09
CA LYS D 194 18.00 -10.18 6.00
C LYS D 194 18.38 -11.04 7.19
N SER D 195 19.61 -10.91 7.67
CA SER D 195 20.08 -11.71 8.81
C SER D 195 19.23 -11.49 10.04
N GLU D 196 18.77 -10.26 10.24
CA GLU D 196 17.92 -9.92 11.39
C GLU D 196 16.58 -10.64 11.30
N TRP D 197 16.13 -10.87 10.07
CA TRP D 197 14.85 -11.54 9.80
C TRP D 197 15.04 -13.04 9.99
N GLN D 198 16.18 -13.55 9.55
CA GLN D 198 16.47 -15.00 9.62
C GLN D 198 16.71 -15.47 11.04
N GLN D 199 17.11 -14.55 11.91
CA GLN D 199 17.43 -14.86 13.32
C GLN D 199 16.19 -14.97 14.19
N GLY D 200 15.02 -14.67 13.61
CA GLY D 200 13.74 -15.01 14.26
C GLY D 200 13.22 -13.99 15.23
N PHE D 201 13.80 -12.79 15.19
CA PHE D 201 13.34 -11.62 15.95
C PHE D 201 11.92 -11.21 15.55
N VAL D 202 11.25 -10.63 16.53
CA VAL D 202 9.85 -10.12 16.34
C VAL D 202 9.93 -8.67 15.85
N PHE D 203 9.18 -8.39 14.80
CA PHE D 203 8.82 -6.99 14.43
C PHE D 203 7.34 -6.79 14.69
N SER D 204 7.00 -5.57 15.08
CA SER D 204 5.59 -5.21 15.39
C SER D 204 5.12 -4.02 14.58
N CYS D 205 3.91 -4.12 14.07
CA CYS D 205 3.23 -3.02 13.36
C CYS D 205 2.21 -2.36 14.28
N SER D 206 2.47 -1.13 14.67
CA SER D 206 1.58 -0.40 15.60
C SER D 206 0.61 0.49 14.83
N VAL D 207 -0.67 0.40 15.17
CA VAL D 207 -1.73 1.10 14.41
C VAL D 207 -2.62 1.86 15.39
N MET D 208 -2.76 3.15 15.15
CA MET D 208 -3.64 3.98 15.99
C MET D 208 -4.83 4.42 15.18
N HIS D 209 -6.04 4.15 15.68
CA HIS D 209 -7.27 4.52 14.95
C HIS D 209 -8.42 4.62 15.93
N GLU D 210 -9.32 5.56 15.68
CA GLU D 210 -10.44 5.86 16.63
C GLU D 210 -11.38 4.66 16.80
N ALA D 211 -11.42 3.77 15.82
CA ALA D 211 -12.34 2.63 15.83
C ALA D 211 -11.77 1.45 16.61
N LEU D 212 -10.50 1.55 16.97
CA LEU D 212 -9.82 0.49 17.73
C LEU D 212 -10.12 0.62 19.21
N HIS D 213 -10.06 -0.49 19.93
CA HIS D 213 -10.14 -0.47 21.40
C HIS D 213 -8.96 0.34 21.94
N ASN D 214 -9.29 1.38 22.71
CA ASN D 214 -8.32 2.35 23.25
C ASN D 214 -7.44 2.91 22.15
N HIS D 215 -7.99 3.04 20.94
CA HIS D 215 -7.37 3.67 19.77
C HIS D 215 -6.03 3.02 19.40
N TYR D 216 -5.92 1.73 19.67
CA TYR D 216 -4.60 1.08 19.53
C TYR D 216 -4.66 -0.41 19.29
N THR D 217 -3.79 -0.89 18.40
CA THR D 217 -3.63 -2.33 18.16
C THR D 217 -2.20 -2.59 17.73
N GLN D 218 -1.80 -3.86 17.80
CA GLN D 218 -0.44 -4.24 17.41
C GLN D 218 -0.44 -5.63 16.82
N LYS D 219 0.23 -5.75 15.68
CA LYS D 219 0.36 -7.05 14.97
C LYS D 219 1.83 -7.42 14.91
N SER D 220 2.17 -8.62 15.33
CA SER D 220 3.59 -9.06 15.31
C SER D 220 3.83 -10.11 14.25
N LEU D 221 5.09 -10.21 13.83
CA LEU D 221 5.51 -11.01 12.66
C LEU D 221 6.95 -11.49 12.84
N SER D 222 7.18 -12.77 12.60
CA SER D 222 8.43 -13.46 13.02
C SER D 222 8.72 -14.64 12.08
N LEU D 223 9.97 -15.09 12.04
CA LEU D 223 10.29 -16.34 11.34
C LEU D 223 9.78 -17.53 12.17
C1 NAG E . -16.66 22.57 -9.32
C2 NAG E . -15.51 22.99 -8.40
C3 NAG E . -14.19 22.76 -9.15
C4 NAG E . -14.10 21.24 -9.36
C5 NAG E . -15.39 20.62 -10.02
C6 NAG E . -15.53 19.07 -9.96
C7 NAG E . -15.22 24.68 -6.68
C8 NAG E . -15.95 25.79 -5.95
N2 NAG E . -15.76 24.30 -7.82
O3 NAG E . -13.03 23.24 -8.43
O4 NAG E . -12.86 20.99 -10.07
O5 NAG E . -16.60 21.14 -9.47
O6 NAG E . -16.02 18.42 -8.77
O7 NAG E . -14.25 24.11 -6.21
C1 NAG E . -11.80 20.63 -9.15
C2 NAG E . -10.82 19.63 -9.80
C3 NAG E . -9.74 19.15 -8.81
C4 NAG E . -9.02 20.35 -8.20
C5 NAG E . -10.12 21.28 -7.65
C6 NAG E . -9.66 22.52 -6.88
C7 NAG E . -12.30 17.68 -9.56
C8 NAG E . -13.00 16.55 -10.27
N2 NAG E . -11.56 18.50 -10.34
O3 NAG E . -8.91 18.14 -9.43
O4 NAG E . -8.17 19.91 -7.13
O5 NAG E . -11.03 21.73 -8.67
O6 NAG E . -10.77 23.03 -6.11
O7 NAG E . -12.42 17.86 -8.33
C1 BMA E . -6.90 19.36 -7.51
C2 BMA E . -6.03 19.25 -6.25
C3 BMA E . -4.61 18.76 -6.59
C4 BMA E . -4.77 17.40 -7.23
C5 BMA E . -5.65 17.55 -8.45
C6 BMA E . -5.74 16.15 -9.01
O2 BMA E . -6.72 18.37 -5.33
O3 BMA E . -3.71 18.54 -5.49
O4 BMA E . -3.51 16.80 -7.52
O5 BMA E . -6.95 18.07 -8.11
O6 BMA E . -6.90 16.09 -9.83
C1 MAN E . -2.53 19.36 -5.52
C2 MAN E . -1.57 18.96 -4.42
C3 MAN E . -2.11 19.21 -3.02
C4 MAN E . -2.73 20.63 -2.90
C5 MAN E . -3.48 21.10 -4.15
C6 MAN E . -3.68 22.62 -4.13
O2 MAN E . -0.39 19.78 -4.40
O3 MAN E . -0.98 19.03 -2.15
O4 MAN E . -3.66 20.63 -1.80
O5 MAN E . -2.79 20.76 -5.36
O6 MAN E . -4.92 22.94 -4.77
C1 NAG E . 0.54 19.26 -5.38
C2 NAG E . 1.33 20.38 -6.10
C3 NAG E . 2.28 19.78 -7.14
C4 NAG E . 2.90 18.42 -6.77
C5 NAG E . 2.01 17.51 -5.92
C6 NAG E . 2.77 16.29 -5.42
C7 NAG E . -0.17 22.34 -6.21
C8 NAG E . -0.74 23.40 -7.11
N2 NAG E . 0.53 21.39 -6.82
O3 NAG E . 3.26 20.81 -7.35
O4 NAG E . 3.18 17.66 -7.95
O5 NAG E . 1.42 18.24 -4.84
O6 NAG E . 3.54 15.75 -6.52
O7 NAG E . -0.28 22.35 -4.99
C1 MAN E . -6.88 14.76 -10.38
C2 MAN E . -7.53 14.72 -11.75
C3 MAN E . -8.95 15.21 -11.66
C4 MAN E . -9.65 14.24 -10.70
C5 MAN E . -8.90 14.18 -9.36
C6 MAN E . -9.49 13.26 -8.30
O2 MAN E . -7.57 13.36 -12.19
O3 MAN E . -9.39 15.24 -13.02
O4 MAN E . -10.98 14.63 -10.40
O5 MAN E . -7.54 13.79 -9.58
O6 MAN E . -9.87 12.07 -8.97
C1 NAG E . -6.61 13.20 -13.23
C2 NAG E . -6.60 11.74 -13.60
C3 NAG E . -5.42 11.45 -14.53
C4 NAG E . -5.63 12.29 -15.78
C5 NAG E . -5.86 13.74 -15.40
C6 NAG E . -6.31 14.46 -16.65
C7 NAG E . -7.73 10.36 -11.95
C8 NAG E . -7.94 10.21 -10.49
N2 NAG E . -6.65 11.09 -12.29
O3 NAG E . -5.41 10.08 -14.90
O4 NAG E . -4.51 12.23 -16.67
O5 NAG E . -6.89 13.92 -14.42
O6 NAG E . -7.72 14.44 -16.62
O7 NAG E . -8.56 9.88 -12.72
#